data_8JGX
#
_entry.id   8JGX
#
_cell.length_a   44.220
_cell.length_b   160.500
_cell.length_c   81.440
_cell.angle_alpha   90.00
_cell.angle_beta   96.30
_cell.angle_gamma   90.00
#
_symmetry.space_group_name_H-M   'P 1 21 1'
#
_entity_poly.entity_id   1
_entity_poly.type   'polypeptide(L)'
_entity_poly.pdbx_seq_one_letter_code
;MGSSHHHHHHSSGLVPRGSHMSDFLIDEELLAAIDMGSNSFHLAIARVDHGEVKKVASMSEKVQLAAGLDENKNLTEAAQ
QRGLACLARFVGRLGSVQPNRLRIVATNALRQAKNGHEFIQKAAEILPKPIEIIAGREEARLIYLGVSHTMANGGRRLVV
DIGGGSTEFIIGEEFEPIYTESLQMGCVAYTKAYFADGEITQKAFDKAVVAARKELSAIATTYKMEGWDTVVGSSGTIKA
CRQIMVNMGLSDEQENVTREGLHKLKDKLLKFKNISEIDFEGLREDRRAVLPAGLAILYAVFEVLEIERLAYSDGALREG
VMYDLLGRFKHEDIRDRSVQALMGRYNADPKQAERVVNTAQYLFDSVAKPLNLTSEDSDLLRRAAYLHEIGLAISHGGYH
RHGAYLLQHSDIPGFSQIDQNHLSHLVAHHRRKLRNDVKNEVLKAGGHKLVYLSLLLRLAVLLNHSRSDQMLPAIELTII
NDQQWQLSVSGDAKQWPLLVADLHDEQEQFKHWNIELNIQSEKFID
;
_entity_poly.pdbx_strand_id   A,B
#
# COMPACT_ATOMS: atom_id res chain seq x y z
N PHE A 24 16.92 6.70 41.74
CA PHE A 24 18.36 6.50 41.40
C PHE A 24 18.69 5.01 41.49
N LEU A 25 18.14 4.30 42.47
CA LEU A 25 18.32 2.83 42.53
C LEU A 25 17.45 2.22 41.44
N ILE A 26 18.01 1.36 40.57
CA ILE A 26 17.24 0.86 39.42
C ILE A 26 17.03 -0.65 39.55
N ASP A 27 15.77 -1.06 39.42
CA ASP A 27 15.35 -2.45 39.56
C ASP A 27 14.97 -2.99 38.19
N GLU A 28 15.81 -3.86 37.63
CA GLU A 28 15.64 -4.34 36.27
C GLU A 28 14.40 -5.21 36.07
N GLU A 29 13.80 -5.69 37.15
CA GLU A 29 12.57 -6.47 37.04
C GLU A 29 11.33 -5.61 37.26
N LEU A 30 11.50 -4.33 37.50
CA LEU A 30 10.37 -3.43 37.73
C LEU A 30 9.75 -2.99 36.41
N LEU A 31 8.43 -2.85 36.42
CA LEU A 31 7.61 -2.56 35.25
C LEU A 31 6.52 -1.58 35.67
N ALA A 32 6.45 -0.45 35.00
CA ALA A 32 5.41 0.52 35.29
C ALA A 32 4.68 0.89 34.00
N ALA A 33 3.52 1.51 34.17
CA ALA A 33 2.67 1.88 33.05
C ALA A 33 1.67 2.95 33.47
N ILE A 34 1.76 4.13 32.84
CA ILE A 34 0.88 5.26 33.10
C ILE A 34 -0.24 5.27 32.08
N ASP A 35 -1.48 5.42 32.54
CA ASP A 35 -2.64 5.49 31.67
C ASP A 35 -3.42 6.77 31.96
N MET A 36 -3.45 7.68 30.99
CA MET A 36 -4.14 8.96 31.11
C MET A 36 -5.55 8.83 30.52
N GLY A 37 -6.54 8.62 31.38
CA GLY A 37 -7.93 8.49 30.97
C GLY A 37 -8.59 9.83 30.72
N SER A 38 -9.92 9.79 30.65
CA SER A 38 -10.70 11.00 30.40
C SER A 38 -10.79 11.87 31.65
N ASN A 39 -11.29 11.30 32.74
CA ASN A 39 -11.46 12.02 33.99
C ASN A 39 -10.38 11.72 35.01
N SER A 40 -9.56 10.70 34.79
CA SER A 40 -8.60 10.27 35.80
C SER A 40 -7.44 9.53 35.15
N PHE A 41 -6.24 9.76 35.69
CA PHE A 41 -5.05 9.07 35.26
C PHE A 41 -4.85 7.85 36.16
N HIS A 42 -3.77 7.11 35.95
CA HIS A 42 -3.45 5.96 36.78
C HIS A 42 -2.01 5.54 36.53
N LEU A 43 -1.28 5.26 37.61
CA LEU A 43 0.05 4.68 37.56
C LEU A 43 0.02 3.35 38.29
N ALA A 44 0.60 2.32 37.67
CA ALA A 44 0.68 1.01 38.28
C ALA A 44 2.10 0.48 38.15
N ILE A 45 2.70 0.06 39.25
CA ILE A 45 4.05 -0.50 39.25
C ILE A 45 3.96 -1.95 39.68
N ALA A 46 4.93 -2.75 39.24
CA ALA A 46 4.88 -4.20 39.41
C ALA A 46 6.26 -4.75 39.10
N ARG A 47 6.48 -5.99 39.53
CA ARG A 47 7.77 -6.62 39.31
C ARG A 47 7.53 -8.01 38.76
N VAL A 48 8.57 -8.58 38.16
CA VAL A 48 8.44 -9.85 37.47
C VAL A 48 8.98 -10.94 38.38
N ASP A 49 8.06 -11.75 38.94
CA ASP A 49 8.39 -12.87 39.80
C ASP A 49 8.06 -14.18 39.07
N HIS A 50 9.09 -14.88 38.64
CA HIS A 50 8.93 -16.16 37.95
C HIS A 50 7.96 -16.04 36.78
N GLY A 51 8.21 -15.05 35.94
CA GLY A 51 7.40 -14.80 34.76
C GLY A 51 5.99 -14.34 35.03
N GLU A 52 5.69 -13.92 36.24
CA GLU A 52 4.39 -13.40 36.59
C GLU A 52 4.52 -11.96 37.10
N VAL A 53 3.40 -11.26 37.09
CA VAL A 53 3.37 -9.83 37.31
C VAL A 53 2.76 -9.60 38.70
N LYS A 54 3.62 -9.30 39.66
CA LYS A 54 3.25 -9.08 41.06
C LYS A 54 3.07 -7.58 41.29
N LYS A 55 1.90 -7.19 41.77
CA LYS A 55 1.64 -5.76 41.96
C LYS A 55 2.53 -5.18 43.04
N VAL A 56 3.04 -3.98 42.78
CA VAL A 56 3.90 -3.26 43.71
C VAL A 56 3.27 -1.94 44.16
N ALA A 57 2.62 -1.21 43.25
CA ALA A 57 2.01 0.06 43.61
C ALA A 57 0.89 0.38 42.64
N SER A 58 -0.02 1.24 43.10
CA SER A 58 -1.06 1.78 42.23
C SER A 58 -1.49 3.15 42.74
N MET A 59 -1.45 4.14 41.87
CA MET A 59 -1.92 5.48 42.17
C MET A 59 -2.89 5.94 41.09
N SER A 60 -3.96 6.61 41.51
CA SER A 60 -5.01 7.06 40.61
C SER A 60 -5.33 8.51 40.94
N GLU A 61 -5.06 9.41 40.00
CA GLU A 61 -5.27 10.84 40.21
C GLU A 61 -6.29 11.35 39.21
N LYS A 62 -7.34 12.01 39.71
CA LYS A 62 -8.39 12.56 38.88
C LYS A 62 -8.00 13.95 38.39
N VAL A 63 -7.87 14.09 37.08
CA VAL A 63 -7.54 15.37 36.46
C VAL A 63 -8.72 15.92 35.67
N GLN A 64 -9.47 15.05 34.99
CA GLN A 64 -10.60 15.44 34.16
C GLN A 64 -10.19 16.43 33.08
N LEU A 65 -8.99 16.22 32.53
CA LEU A 65 -8.47 17.08 31.48
C LEU A 65 -9.27 16.94 30.19
N ALA A 66 -9.78 15.74 29.92
CA ALA A 66 -10.50 15.49 28.67
C ALA A 66 -11.88 16.14 28.69
N ALA A 67 -12.66 15.87 29.72
CA ALA A 67 -13.93 16.58 29.90
C ALA A 67 -13.69 18.08 30.05
N LYS A 73 -12.40 21.67 20.96
CA LYS A 73 -11.50 20.52 21.01
C LYS A 73 -10.07 20.96 21.33
N ASN A 74 -9.93 21.64 22.46
CA ASN A 74 -8.66 22.25 22.86
C ASN A 74 -8.54 22.13 24.38
N LEU A 75 -7.58 21.33 24.84
CA LEU A 75 -7.36 21.11 26.26
C LEU A 75 -7.12 22.41 27.01
N THR A 76 -8.04 22.80 27.88
CA THR A 76 -7.88 24.06 28.60
C THR A 76 -6.78 23.95 29.63
N GLU A 77 -6.19 25.11 29.96
CA GLU A 77 -5.17 25.17 31.01
C GLU A 77 -5.74 24.94 32.40
N ALA A 78 -7.07 24.92 32.54
CA ALA A 78 -7.70 24.69 33.84
C ALA A 78 -7.46 23.28 34.37
N ALA A 79 -6.98 22.38 33.54
CA ALA A 79 -6.57 21.06 33.98
C ALA A 79 -5.25 20.61 33.40
N GLN A 80 -4.71 21.29 32.39
CA GLN A 80 -3.47 20.87 31.77
C GLN A 80 -2.32 20.83 32.76
N GLN A 81 -2.16 21.89 33.55
CA GLN A 81 -1.11 21.90 34.57
C GLN A 81 -1.37 20.84 35.63
N ARG A 82 -2.65 20.59 35.96
CA ARG A 82 -2.97 19.56 36.95
C ARG A 82 -2.43 18.21 36.53
N GLY A 83 -2.41 17.96 35.21
CA GLY A 83 -1.89 16.68 34.71
C GLY A 83 -0.37 16.67 34.65
N LEU A 84 0.22 17.79 34.23
CA LEU A 84 1.70 17.87 34.12
C LEU A 84 2.32 17.61 35.51
N ALA A 85 1.66 18.08 36.56
CA ALA A 85 2.15 17.82 37.94
C ALA A 85 1.89 16.35 38.27
N CYS A 86 0.63 15.90 38.14
CA CYS A 86 0.34 14.49 38.37
C CYS A 86 1.38 13.59 37.72
N LEU A 87 1.84 13.96 36.53
CA LEU A 87 2.84 13.16 35.84
C LEU A 87 4.23 13.32 36.46
N ALA A 88 4.52 14.50 37.02
CA ALA A 88 5.83 14.71 37.64
C ALA A 88 5.94 14.01 39.00
N ARG A 89 4.83 13.92 39.73
CA ARG A 89 4.76 13.05 40.89
C ARG A 89 4.97 11.59 40.50
N PHE A 90 4.28 11.17 39.42
CA PHE A 90 4.40 9.79 38.98
C PHE A 90 5.83 9.44 38.60
N VAL A 91 6.49 10.30 37.82
CA VAL A 91 7.84 9.96 37.38
C VAL A 91 8.81 9.96 38.56
N GLY A 92 8.55 10.78 39.59
CA GLY A 92 9.36 10.69 40.79
C GLY A 92 9.18 9.36 41.51
N ARG A 93 7.97 8.84 41.51
CA ARG A 93 7.74 7.47 41.96
C ARG A 93 8.39 6.46 41.02
N LEU A 94 8.55 6.81 39.75
CA LEU A 94 9.06 5.88 38.74
C LEU A 94 10.57 5.92 38.60
N GLY A 95 11.27 6.53 39.54
CA GLY A 95 12.70 6.73 39.39
C GLY A 95 13.53 5.47 39.35
N SER A 96 12.95 4.32 39.65
CA SER A 96 13.71 3.09 39.72
C SER A 96 13.49 2.18 38.50
N VAL A 97 12.55 2.53 37.63
CA VAL A 97 12.17 1.74 36.48
C VAL A 97 13.02 2.15 35.27
N GLN A 98 13.60 1.16 34.60
CA GLN A 98 14.29 1.44 33.34
C GLN A 98 13.30 2.00 32.31
N PRO A 99 13.70 2.89 31.38
CA PRO A 99 12.74 3.45 30.43
C PRO A 99 12.24 2.33 29.51
N ASN A 100 13.05 1.29 29.33
CA ASN A 100 12.66 0.14 28.47
C ASN A 100 11.40 -0.52 29.04
N ARG A 101 11.22 -0.45 30.37
CA ARG A 101 10.05 -1.10 31.01
C ARG A 101 9.03 -0.05 31.44
N LEU A 102 9.07 1.14 30.85
CA LEU A 102 8.06 2.18 31.16
C LEU A 102 7.22 2.44 29.90
N ARG A 103 5.91 2.63 30.06
CA ARG A 103 5.05 2.93 28.90
C ARG A 103 3.99 3.97 29.29
N ILE A 104 3.90 5.07 28.51
CA ILE A 104 2.83 6.08 28.75
C ILE A 104 1.74 5.81 27.71
N VAL A 105 0.46 5.92 28.09
CA VAL A 105 -0.62 5.55 27.19
C VAL A 105 -1.78 6.51 27.42
N ALA A 106 -2.52 6.81 26.35
CA ALA A 106 -3.68 7.68 26.45
C ALA A 106 -4.65 7.30 25.34
N THR A 107 -5.90 7.73 25.48
CA THR A 107 -6.93 7.36 24.51
C THR A 107 -8.09 8.35 24.57
N ASN A 108 -8.72 8.54 23.39
CA ASN A 108 -10.00 9.23 23.26
C ASN A 108 -9.97 10.62 23.92
N ALA A 109 -8.82 11.27 23.89
CA ALA A 109 -8.67 12.57 24.54
C ALA A 109 -7.80 13.51 23.72
N LEU A 110 -6.47 13.42 23.89
CA LEU A 110 -5.55 14.22 23.08
C LEU A 110 -5.80 14.06 21.59
N ARG A 111 -6.49 13.00 21.18
CA ARG A 111 -6.94 12.91 19.79
C ARG A 111 -7.80 14.11 19.42
N GLN A 112 -8.77 14.45 20.25
CA GLN A 112 -9.66 15.58 19.99
C GLN A 112 -9.19 16.86 20.66
N ALA A 113 -7.91 17.20 20.48
CA ALA A 113 -7.28 18.33 21.15
C ALA A 113 -6.45 19.13 20.15
N LYS A 114 -6.83 20.39 19.95
CA LYS A 114 -6.02 21.30 19.15
C LYS A 114 -4.60 21.40 19.71
N ASN A 115 -4.50 21.66 21.01
CA ASN A 115 -3.22 21.79 21.70
C ASN A 115 -2.67 20.45 22.18
N GLY A 116 -3.16 19.34 21.63
CA GLY A 116 -2.70 18.04 22.09
C GLY A 116 -1.20 17.89 21.96
N HIS A 117 -0.66 18.27 20.79
CA HIS A 117 0.78 18.17 20.56
C HIS A 117 1.55 19.02 21.56
N GLU A 118 0.98 20.15 21.98
CA GLU A 118 1.64 21.00 22.97
C GLU A 118 1.64 20.36 24.34
N PHE A 119 0.52 19.77 24.74
CA PHE A 119 0.48 19.02 26.00
C PHE A 119 1.48 17.87 25.97
N ILE A 120 1.60 17.19 24.84
CA ILE A 120 2.58 16.13 24.71
C ILE A 120 4.00 16.72 24.78
N GLN A 121 4.22 17.85 24.13
CA GLN A 121 5.51 18.53 24.24
C GLN A 121 5.78 18.97 25.69
N LYS A 122 4.75 19.48 26.36
CA LYS A 122 4.90 19.82 27.77
C LYS A 122 5.14 18.58 28.62
N ALA A 123 4.42 17.49 28.33
CA ALA A 123 4.64 16.24 29.04
C ALA A 123 6.02 15.67 28.74
N ALA A 124 6.49 15.81 27.49
CA ALA A 124 7.85 15.35 27.16
C ALA A 124 8.91 16.06 27.98
N GLU A 125 8.64 17.30 28.41
CA GLU A 125 9.49 17.92 29.41
C GLU A 125 9.48 17.13 30.71
N ILE A 126 8.32 16.60 31.09
CA ILE A 126 8.10 15.94 32.36
C ILE A 126 8.51 14.46 32.29
N LEU A 127 7.79 13.67 31.48
CA LEU A 127 8.01 12.23 31.40
C LEU A 127 9.27 11.92 30.61
N PRO A 128 9.84 10.73 30.82
CA PRO A 128 11.01 10.30 30.04
C PRO A 128 10.71 9.43 28.82
N LYS A 129 9.44 9.15 28.53
CA LYS A 129 9.06 8.25 27.47
C LYS A 129 7.84 8.88 26.78
N PRO A 130 7.86 9.02 25.46
CA PRO A 130 6.79 9.77 24.78
C PRO A 130 5.41 9.15 25.00
N ILE A 131 4.42 10.03 25.21
CA ILE A 131 3.03 9.58 25.30
C ILE A 131 2.68 8.73 24.07
N GLU A 132 1.82 7.72 24.28
CA GLU A 132 1.35 6.83 23.22
C GLU A 132 -0.16 6.88 23.19
N ILE A 133 -0.73 7.27 22.06
CA ILE A 133 -2.17 7.16 21.87
C ILE A 133 -2.46 5.80 21.25
N ILE A 134 -3.19 4.95 21.99
CA ILE A 134 -3.62 3.62 21.53
C ILE A 134 -5.11 3.68 21.21
N ALA A 135 -5.49 3.22 20.02
CA ALA A 135 -6.89 3.31 19.62
C ALA A 135 -7.24 2.19 18.64
N GLY A 136 -8.53 2.07 18.33
CA GLY A 136 -8.98 1.15 17.32
C GLY A 136 -8.72 -0.32 17.67
N ARG A 137 -8.22 -1.06 16.68
CA ARG A 137 -8.04 -2.50 16.80
C ARG A 137 -6.82 -2.86 17.63
N GLU A 138 -5.95 -1.88 17.92
CA GLU A 138 -4.88 -2.10 18.88
C GLU A 138 -5.39 -1.95 20.29
N GLU A 139 -6.23 -0.95 20.52
CA GLU A 139 -6.90 -0.83 21.82
C GLU A 139 -7.68 -2.09 22.15
N ALA A 140 -8.39 -2.63 21.17
CA ALA A 140 -9.13 -3.88 21.38
C ALA A 140 -8.19 -5.01 21.73
N ARG A 141 -7.06 -5.13 21.03
CA ARG A 141 -6.13 -6.20 21.37
C ARG A 141 -5.74 -6.17 22.85
N LEU A 142 -5.60 -4.97 23.44
CA LEU A 142 -5.03 -4.85 24.78
C LEU A 142 -6.06 -5.06 25.87
N ILE A 143 -7.30 -4.61 25.64
CA ILE A 143 -8.40 -4.95 26.53
C ILE A 143 -8.50 -6.47 26.67
N TYR A 144 -8.62 -7.18 25.55
CA TYR A 144 -8.75 -8.63 25.59
C TYR A 144 -7.56 -9.28 26.29
N LEU A 145 -6.35 -8.82 25.98
CA LEU A 145 -5.20 -9.37 26.69
C LEU A 145 -5.36 -9.19 28.19
N GLY A 146 -5.79 -7.99 28.60
CA GLY A 146 -5.92 -7.74 30.02
C GLY A 146 -7.06 -8.50 30.68
N VAL A 147 -8.17 -8.65 29.97
CA VAL A 147 -9.27 -9.47 30.45
C VAL A 147 -8.88 -10.94 30.48
N SER A 148 -8.05 -11.40 29.53
CA SER A 148 -7.72 -12.81 29.48
C SER A 148 -6.85 -13.22 30.65
N HIS A 149 -5.91 -12.35 31.04
CA HIS A 149 -4.98 -12.66 32.15
C HIS A 149 -5.67 -12.44 33.51
N THR A 150 -6.69 -11.58 33.56
CA THR A 150 -7.44 -11.36 34.82
C THR A 150 -8.45 -12.50 34.98
N MET A 151 -9.69 -12.31 34.51
CA MET A 151 -10.67 -13.42 34.52
C MET A 151 -10.05 -14.56 33.72
N ALA A 152 -9.90 -15.75 34.31
CA ALA A 152 -9.18 -16.84 33.61
C ALA A 152 -10.14 -17.94 33.14
N ASN A 153 -11.42 -17.64 32.99
CA ASN A 153 -12.36 -18.66 32.45
C ASN A 153 -11.86 -19.12 31.09
N GLY A 154 -11.79 -20.43 30.86
CA GLY A 154 -11.41 -20.94 29.53
C GLY A 154 -12.54 -20.74 28.53
N GLY A 155 -12.41 -21.22 27.30
CA GLY A 155 -13.53 -21.09 26.40
C GLY A 155 -13.42 -19.87 25.50
N ARG A 156 -14.21 -19.90 24.43
CA ARG A 156 -14.29 -18.83 23.46
C ARG A 156 -15.03 -17.66 24.08
N ARG A 157 -14.30 -16.58 24.35
CA ARG A 157 -14.82 -15.42 25.07
C ARG A 157 -15.03 -14.24 24.13
N LEU A 158 -16.15 -13.57 24.31
CA LEU A 158 -16.47 -12.31 23.65
C LEU A 158 -16.29 -11.18 24.66
N VAL A 159 -15.41 -10.23 24.35
CA VAL A 159 -15.18 -9.07 25.21
C VAL A 159 -15.78 -7.83 24.56
N VAL A 160 -16.48 -7.03 25.35
CA VAL A 160 -16.99 -5.74 24.90
C VAL A 160 -16.52 -4.64 25.85
N ASP A 161 -16.28 -3.46 25.28
CA ASP A 161 -15.80 -2.29 26.01
C ASP A 161 -16.37 -1.06 25.30
N ILE A 162 -17.29 -0.35 25.96
CA ILE A 162 -17.90 0.85 25.41
C ILE A 162 -17.07 2.04 25.89
N GLY A 163 -16.14 2.46 25.05
CA GLY A 163 -15.35 3.65 25.34
C GLY A 163 -16.11 4.94 25.06
N GLY A 164 -15.39 6.05 25.23
CA GLY A 164 -16.01 7.34 25.03
C GLY A 164 -16.21 7.66 23.56
N GLY A 165 -15.28 7.24 22.71
CA GLY A 165 -15.42 7.45 21.28
C GLY A 165 -15.66 6.20 20.47
N SER A 166 -15.52 5.02 21.08
CA SER A 166 -15.45 3.78 20.32
C SER A 166 -15.73 2.60 21.23
N THR A 167 -16.24 1.53 20.63
CA THR A 167 -16.68 0.35 21.36
C THR A 167 -15.99 -0.87 20.77
N GLU A 168 -15.18 -1.54 21.58
CA GLU A 168 -14.32 -2.63 21.12
C GLU A 168 -15.02 -3.98 21.29
N PHE A 169 -14.91 -4.81 20.27
CA PHE A 169 -15.47 -6.17 20.25
C PHE A 169 -14.37 -7.15 19.86
N ILE A 170 -14.09 -8.11 20.74
CA ILE A 170 -13.07 -9.13 20.50
C ILE A 170 -13.65 -10.50 20.83
N ILE A 171 -13.38 -11.46 19.97
CA ILE A 171 -13.54 -12.88 20.24
C ILE A 171 -12.14 -13.48 20.27
N GLY A 172 -11.80 -14.10 21.39
CA GLY A 172 -10.51 -14.78 21.51
C GLY A 172 -10.61 -16.07 22.31
N GLU A 173 -9.51 -16.80 22.31
CA GLU A 173 -9.35 -17.97 23.15
C GLU A 173 -7.98 -17.89 23.80
N GLU A 174 -7.91 -18.33 25.05
CA GLU A 174 -6.70 -18.23 25.87
C GLU A 174 -6.26 -16.77 25.85
N PHE A 175 -5.01 -16.45 25.50
CA PHE A 175 -4.56 -15.08 25.41
C PHE A 175 -4.47 -14.59 23.96
N GLU A 176 -4.92 -15.41 23.00
CA GLU A 176 -4.81 -15.11 21.56
C GLU A 176 -6.15 -14.73 20.95
N PRO A 177 -6.35 -13.46 20.58
CA PRO A 177 -7.64 -13.06 19.98
C PRO A 177 -7.79 -13.62 18.57
N ILE A 178 -9.04 -13.81 18.19
CA ILE A 178 -9.41 -14.36 16.87
C ILE A 178 -9.97 -13.28 15.94
N TYR A 179 -10.90 -12.47 16.43
CA TYR A 179 -11.43 -11.31 15.72
C TYR A 179 -11.28 -10.11 16.63
N THR A 180 -10.73 -9.03 16.11
CA THR A 180 -10.63 -7.79 16.85
C THR A 180 -11.21 -6.67 16.01
N GLU A 181 -12.14 -5.90 16.58
CA GLU A 181 -12.83 -4.84 15.81
C GLU A 181 -13.10 -3.63 16.70
N SER A 182 -13.11 -2.43 16.10
CA SER A 182 -13.45 -1.20 16.87
C SER A 182 -14.57 -0.45 16.14
N LEU A 183 -15.74 -0.33 16.78
CA LEU A 183 -16.89 0.34 16.14
C LEU A 183 -16.96 1.78 16.69
N GLN A 184 -17.04 2.77 15.81
CA GLN A 184 -17.03 4.16 16.24
C GLN A 184 -18.41 4.52 16.78
N MET A 185 -18.68 4.05 18.00
CA MET A 185 -19.93 4.39 18.65
C MET A 185 -19.64 4.44 20.15
N GLY A 186 -19.02 5.57 20.60
CA GLY A 186 -18.79 5.82 22.00
C GLY A 186 -19.93 6.56 22.69
N CYS A 187 -19.98 6.44 24.03
CA CYS A 187 -21.06 7.09 24.77
C CYS A 187 -20.97 8.61 24.69
N VAL A 188 -19.77 9.17 24.58
CA VAL A 188 -19.63 10.63 24.52
C VAL A 188 -20.23 11.16 23.23
N ALA A 189 -19.86 10.54 22.10
CA ALA A 189 -20.33 11.02 20.81
C ALA A 189 -21.82 10.78 20.62
N TYR A 190 -22.33 9.67 21.17
CA TYR A 190 -23.76 9.34 20.95
C TYR A 190 -24.64 10.35 21.67
N THR A 191 -24.26 10.75 22.89
CA THR A 191 -25.01 11.80 23.60
C THR A 191 -24.90 13.10 22.81
N LYS A 192 -23.68 13.50 22.44
CA LYS A 192 -23.45 14.75 21.68
C LYS A 192 -24.32 14.77 20.42
N ALA A 193 -24.66 13.60 19.86
CA ALA A 193 -25.38 13.58 18.61
C ALA A 193 -26.86 13.24 18.74
N TYR A 194 -27.26 12.48 19.75
CA TYR A 194 -28.67 12.14 19.92
C TYR A 194 -29.26 12.59 21.23
N PHE A 195 -28.47 12.69 22.30
CA PHE A 195 -28.97 13.04 23.61
C PHE A 195 -28.47 14.39 24.09
N ALA A 196 -28.05 15.25 23.16
CA ALA A 196 -27.59 16.61 23.46
C ALA A 196 -28.65 17.34 24.24
N ASP A 197 -28.27 18.31 25.08
CA ASP A 197 -29.20 19.03 25.95
C ASP A 197 -29.66 18.14 27.11
N GLY A 198 -29.26 16.86 27.07
CA GLY A 198 -29.51 15.93 28.15
C GLY A 198 -30.94 15.53 28.36
N GLU A 199 -31.82 15.82 27.40
CA GLU A 199 -33.25 15.55 27.57
C GLU A 199 -33.58 14.15 27.09
N ILE A 200 -34.11 13.33 28.00
CA ILE A 200 -34.41 11.94 27.71
C ILE A 200 -35.71 11.86 26.92
N THR A 201 -35.67 11.18 25.78
CA THR A 201 -36.82 11.02 24.91
C THR A 201 -36.92 9.56 24.50
N GLN A 202 -38.16 9.11 24.27
CA GLN A 202 -38.35 7.76 23.74
C GLN A 202 -37.66 7.62 22.39
N LYS A 203 -37.90 8.57 21.49
CA LYS A 203 -37.34 8.48 20.15
C LYS A 203 -35.83 8.61 20.17
N ALA A 204 -35.29 9.48 21.03
CA ALA A 204 -33.85 9.68 21.09
C ALA A 204 -33.12 8.40 21.49
N PHE A 205 -33.79 7.55 22.28
CA PHE A 205 -33.25 6.23 22.58
C PHE A 205 -33.28 5.33 21.35
N ASP A 206 -34.44 5.27 20.69
CA ASP A 206 -34.55 4.45 19.48
C ASP A 206 -33.59 4.92 18.41
N LYS A 207 -33.44 6.23 18.25
CA LYS A 207 -32.48 6.76 17.27
C LYS A 207 -31.05 6.37 17.62
N ALA A 208 -30.69 6.43 18.90
CA ALA A 208 -29.35 6.04 19.30
C ALA A 208 -29.12 4.53 19.11
N VAL A 209 -30.13 3.72 19.42
CA VAL A 209 -30.06 2.29 19.14
C VAL A 209 -29.88 2.05 17.65
N VAL A 210 -30.71 2.71 16.83
CA VAL A 210 -30.68 2.45 15.40
C VAL A 210 -29.29 2.70 14.83
N ALA A 211 -28.68 3.82 15.21
CA ALA A 211 -27.31 4.09 14.80
C ALA A 211 -26.36 2.98 15.24
N ALA A 212 -26.58 2.44 16.44
CA ALA A 212 -25.73 1.38 16.96
C ALA A 212 -25.96 0.08 16.22
N ARG A 213 -27.22 -0.27 15.98
CA ARG A 213 -27.50 -1.44 15.16
C ARG A 213 -26.78 -1.37 13.82
N LYS A 214 -26.85 -0.22 13.16
CA LYS A 214 -26.22 -0.05 11.86
C LYS A 214 -24.71 -0.21 11.94
N GLU A 215 -24.09 0.25 13.03
CA GLU A 215 -22.66 0.00 13.22
C GLU A 215 -22.38 -1.48 13.38
N LEU A 216 -23.21 -2.18 14.17
CA LEU A 216 -22.97 -3.57 14.45
C LEU A 216 -23.25 -4.47 13.26
N SER A 217 -24.06 -3.99 12.33
CA SER A 217 -24.41 -4.74 11.13
C SER A 217 -23.19 -5.19 10.32
N ALA A 218 -22.05 -4.52 10.48
CA ALA A 218 -20.82 -4.91 9.81
C ALA A 218 -20.21 -6.20 10.37
N ILE A 219 -20.28 -6.43 11.68
CA ILE A 219 -19.56 -7.53 12.32
C ILE A 219 -20.49 -8.61 12.89
N ALA A 220 -21.78 -8.33 13.01
CA ALA A 220 -22.71 -9.24 13.67
C ALA A 220 -22.66 -10.66 13.07
N THR A 221 -22.77 -10.78 11.75
CA THR A 221 -22.80 -12.10 11.15
C THR A 221 -21.51 -12.85 11.38
N THR A 222 -20.39 -12.20 11.13
CA THR A 222 -19.09 -12.84 11.38
C THR A 222 -18.97 -13.24 12.84
N TYR A 223 -19.32 -12.33 13.76
CA TYR A 223 -19.10 -12.57 15.18
C TYR A 223 -20.05 -13.63 15.72
N LYS A 224 -21.29 -13.64 15.25
CA LYS A 224 -22.26 -14.60 15.77
C LYS A 224 -21.98 -16.02 15.30
N MET A 225 -21.72 -16.19 14.00
CA MET A 225 -21.35 -17.51 13.48
C MET A 225 -20.16 -18.08 14.25
N GLU A 226 -19.14 -17.25 14.46
CA GLU A 226 -17.97 -17.65 15.25
C GLU A 226 -18.36 -18.07 16.68
N GLY A 227 -19.30 -17.35 17.30
CA GLY A 227 -19.88 -17.75 18.57
C GLY A 227 -18.97 -17.58 19.77
N TRP A 228 -19.58 -17.70 20.95
CA TRP A 228 -18.80 -17.50 22.21
C TRP A 228 -19.43 -18.34 23.33
N ASP A 229 -18.62 -18.74 24.31
CA ASP A 229 -19.16 -19.48 25.48
C ASP A 229 -19.29 -18.51 26.66
N THR A 230 -18.55 -17.40 26.61
CA THR A 230 -18.56 -16.44 27.76
C THR A 230 -18.60 -15.00 27.25
N VAL A 231 -19.31 -14.12 27.95
CA VAL A 231 -19.36 -12.71 27.58
C VAL A 231 -18.83 -11.89 28.74
N VAL A 232 -17.79 -11.08 28.47
CA VAL A 232 -17.15 -10.22 29.45
C VAL A 232 -17.15 -8.78 28.92
N GLY A 233 -17.51 -7.83 29.78
CA GLY A 233 -17.45 -6.43 29.46
C GLY A 233 -16.31 -5.72 30.18
N SER A 234 -16.18 -4.42 29.89
CA SER A 234 -15.11 -3.58 30.43
C SER A 234 -15.46 -2.12 30.12
N SER A 235 -14.63 -1.20 30.65
CA SER A 235 -14.81 0.26 30.59
C SER A 235 -15.93 0.74 31.50
N GLY A 236 -16.03 2.07 31.67
CA GLY A 236 -16.93 2.60 32.70
C GLY A 236 -18.40 2.34 32.42
N THR A 237 -18.83 2.55 31.17
CA THR A 237 -20.24 2.35 30.85
C THR A 237 -20.75 0.99 31.31
N ILE A 238 -19.96 -0.06 31.08
CA ILE A 238 -20.35 -1.38 31.56
C ILE A 238 -20.37 -1.42 33.08
N LYS A 239 -19.36 -0.81 33.72
CA LYS A 239 -19.28 -0.79 35.18
C LYS A 239 -20.49 -0.10 35.79
N ALA A 240 -20.83 1.08 35.28
CA ALA A 240 -22.00 1.81 35.75
C ALA A 240 -23.25 0.95 35.67
N CYS A 241 -23.52 0.40 34.49
CA CYS A 241 -24.74 -0.42 34.30
C CYS A 241 -24.73 -1.57 35.29
N ARG A 242 -23.56 -2.19 35.51
CA ARG A 242 -23.46 -3.35 36.43
C ARG A 242 -23.92 -2.90 37.82
N GLN A 243 -23.50 -1.71 38.24
CA GLN A 243 -23.84 -1.23 39.61
C GLN A 243 -25.35 -1.03 39.71
N ILE A 244 -25.91 -0.15 38.88
CA ILE A 244 -27.35 0.09 38.95
C ILE A 244 -28.14 -1.20 38.89
N MET A 245 -27.62 -2.21 38.17
CA MET A 245 -28.27 -3.52 38.18
C MET A 245 -28.30 -4.09 39.58
N VAL A 246 -27.19 -3.97 40.31
CA VAL A 246 -27.12 -4.50 41.67
C VAL A 246 -28.01 -3.68 42.60
N ASN A 247 -27.84 -2.36 42.58
CA ASN A 247 -28.59 -1.50 43.49
C ASN A 247 -30.09 -1.59 43.25
N MET A 248 -30.51 -1.72 42.00
CA MET A 248 -31.92 -1.89 41.66
C MET A 248 -32.35 -3.37 41.65
N GLY A 249 -31.54 -4.26 42.22
CA GLY A 249 -31.87 -5.66 42.31
C GLY A 249 -32.22 -6.31 40.99
N LEU A 250 -31.72 -5.75 39.89
CA LEU A 250 -31.95 -6.26 38.55
C LEU A 250 -30.81 -7.14 38.04
N SER A 251 -29.75 -7.29 38.82
CA SER A 251 -28.63 -8.12 38.44
C SER A 251 -28.95 -9.58 38.75
N ASP A 252 -27.95 -10.44 38.54
CA ASP A 252 -28.09 -11.89 38.67
C ASP A 252 -27.31 -12.37 39.88
N GLU A 253 -27.33 -13.69 40.11
CA GLU A 253 -26.57 -14.25 41.21
C GLU A 253 -25.10 -13.91 41.11
N GLN A 254 -24.52 -14.04 39.92
CA GLN A 254 -23.12 -13.73 39.69
C GLN A 254 -22.91 -12.30 39.19
N GLU A 255 -23.85 -11.40 39.46
CA GLU A 255 -23.80 -10.01 39.00
C GLU A 255 -23.60 -9.94 37.48
N ASN A 256 -24.13 -10.93 36.76
CA ASN A 256 -24.07 -10.95 35.30
C ASN A 256 -25.21 -10.09 34.77
N VAL A 257 -24.87 -8.97 34.11
CA VAL A 257 -25.82 -8.11 33.42
C VAL A 257 -26.62 -8.97 32.44
N THR A 258 -27.95 -8.95 32.55
CA THR A 258 -28.84 -9.79 31.76
C THR A 258 -29.72 -8.95 30.86
N ARG A 259 -30.10 -9.51 29.70
CA ARG A 259 -31.00 -8.83 28.79
C ARG A 259 -32.27 -8.37 29.52
N GLU A 260 -32.84 -9.25 30.32
CA GLU A 260 -34.08 -8.93 31.03
C GLU A 260 -33.90 -7.71 31.92
N GLY A 261 -32.88 -7.73 32.77
CA GLY A 261 -32.62 -6.57 33.61
C GLY A 261 -32.28 -5.34 32.80
N LEU A 262 -31.50 -5.51 31.74
CA LEU A 262 -31.15 -4.38 30.89
C LEU A 262 -32.37 -3.79 30.22
N HIS A 263 -33.25 -4.65 29.69
CA HIS A 263 -34.46 -4.14 29.04
C HIS A 263 -35.33 -3.37 30.01
N LYS A 264 -35.38 -3.83 31.26
CA LYS A 264 -36.15 -3.14 32.28
C LYS A 264 -35.51 -1.80 32.63
N LEU A 265 -34.19 -1.79 32.84
CA LEU A 265 -33.47 -0.53 33.05
C LEU A 265 -33.75 0.48 31.94
N LYS A 266 -33.82 0.00 30.70
CA LYS A 266 -34.16 0.86 29.58
C LYS A 266 -35.51 1.54 29.77
N ASP A 267 -36.52 0.76 30.17
CA ASP A 267 -37.85 1.33 30.36
C ASP A 267 -37.89 2.29 31.54
N LYS A 268 -37.12 2.00 32.60
CA LYS A 268 -37.09 2.90 33.75
C LYS A 268 -36.45 4.24 33.40
N LEU A 269 -35.39 4.22 32.58
CA LEU A 269 -34.72 5.46 32.19
C LEU A 269 -35.60 6.32 31.29
N LEU A 270 -36.44 5.69 30.45
CA LEU A 270 -37.33 6.46 29.58
C LEU A 270 -38.35 7.26 30.37
N LYS A 271 -38.59 6.90 31.64
CA LYS A 271 -39.52 7.64 32.47
C LYS A 271 -38.99 9.01 32.86
N PHE A 272 -37.67 9.14 33.04
CA PHE A 272 -37.09 10.46 33.25
C PHE A 272 -37.41 11.38 32.07
N LYS A 273 -37.32 12.68 32.33
CA LYS A 273 -37.47 13.68 31.28
C LYS A 273 -36.16 14.39 30.96
N ASN A 274 -35.15 14.19 31.78
CA ASN A 274 -33.86 14.85 31.64
C ASN A 274 -32.86 14.08 32.51
N ILE A 275 -31.58 14.39 32.31
CA ILE A 275 -30.53 13.78 33.11
C ILE A 275 -30.70 14.17 34.58
N SER A 276 -30.86 15.47 34.83
CA SER A 276 -31.00 15.99 36.18
C SER A 276 -32.26 15.44 36.87
N LEU A 283 -25.54 5.42 41.59
CA LEU A 283 -25.10 6.08 40.38
C LEU A 283 -23.94 7.03 40.65
N ARG A 284 -23.67 7.93 39.71
CA ARG A 284 -22.59 8.91 39.85
C ARG A 284 -22.96 10.13 39.02
N GLU A 285 -22.61 11.32 39.52
CA GLU A 285 -23.00 12.55 38.83
C GLU A 285 -22.35 12.64 37.46
N ASP A 286 -21.07 12.32 37.35
CA ASP A 286 -20.41 12.38 36.05
C ASP A 286 -20.98 11.36 35.09
N ARG A 287 -21.42 10.21 35.60
CA ARG A 287 -21.85 9.13 34.72
C ARG A 287 -23.22 9.39 34.10
N ARG A 288 -24.11 10.07 34.83
CA ARG A 288 -25.47 10.27 34.34
C ARG A 288 -25.52 11.12 33.08
N ALA A 289 -24.43 11.84 32.76
CA ALA A 289 -24.41 12.67 31.56
C ALA A 289 -24.48 11.82 30.29
N VAL A 290 -23.66 10.76 30.22
CA VAL A 290 -23.62 9.91 29.04
C VAL A 290 -24.45 8.65 29.16
N LEU A 291 -25.06 8.41 30.33
CA LEU A 291 -25.81 7.18 30.57
C LEU A 291 -26.82 6.85 29.47
N PRO A 292 -27.62 7.79 28.96
CA PRO A 292 -28.57 7.40 27.88
C PRO A 292 -27.89 6.79 26.66
N ALA A 293 -26.82 7.43 26.18
CA ALA A 293 -26.08 6.89 25.05
C ALA A 293 -25.60 5.47 25.34
N GLY A 294 -24.74 5.32 26.36
CA GLY A 294 -24.25 3.99 26.71
C GLY A 294 -25.36 2.96 26.86
N LEU A 295 -26.39 3.28 27.63
CA LEU A 295 -27.48 2.33 27.86
C LEU A 295 -28.05 1.81 26.55
N ALA A 296 -28.17 2.68 25.55
CA ALA A 296 -28.66 2.25 24.24
C ALA A 296 -27.64 1.40 23.51
N ILE A 297 -26.36 1.74 23.66
CA ILE A 297 -25.30 1.01 22.97
C ILE A 297 -25.26 -0.43 23.46
N LEU A 298 -25.32 -0.61 24.78
CA LEU A 298 -25.32 -1.96 25.34
C LEU A 298 -26.63 -2.68 25.05
N TYR A 299 -27.76 -1.98 25.11
CA TYR A 299 -29.01 -2.60 24.70
C TYR A 299 -28.93 -3.10 23.26
N ALA A 300 -28.40 -2.26 22.37
CA ALA A 300 -28.25 -2.67 20.97
C ALA A 300 -27.32 -3.87 20.86
N VAL A 301 -26.15 -3.79 21.50
CA VAL A 301 -25.21 -4.91 21.48
C VAL A 301 -25.90 -6.19 21.95
N PHE A 302 -26.61 -6.10 23.07
CA PHE A 302 -27.27 -7.28 23.62
C PHE A 302 -28.27 -7.86 22.64
N GLU A 303 -29.02 -7.00 21.94
CA GLU A 303 -30.06 -7.47 21.04
C GLU A 303 -29.47 -8.02 19.73
N VAL A 304 -28.47 -7.37 19.15
CA VAL A 304 -28.04 -7.77 17.82
C VAL A 304 -27.13 -8.97 17.89
N LEU A 305 -26.34 -9.10 18.95
CA LEU A 305 -25.50 -10.27 19.11
C LEU A 305 -26.15 -11.36 19.95
N GLU A 306 -27.38 -11.15 20.42
CA GLU A 306 -28.11 -12.12 21.24
C GLU A 306 -27.26 -12.59 22.41
N ILE A 307 -26.70 -11.63 23.13
CA ILE A 307 -26.02 -11.93 24.37
C ILE A 307 -27.06 -12.09 25.47
N GLU A 308 -26.84 -13.06 26.34
CA GLU A 308 -27.73 -13.27 27.48
C GLU A 308 -27.13 -12.81 28.80
N ARG A 309 -25.85 -13.06 29.04
CA ARG A 309 -25.22 -12.80 30.32
C ARG A 309 -23.84 -12.20 30.07
N LEU A 310 -23.45 -11.25 30.92
CA LEU A 310 -22.22 -10.48 30.71
C LEU A 310 -21.55 -10.17 32.04
N ALA A 311 -20.28 -10.56 32.17
CA ALA A 311 -19.47 -10.25 33.34
C ALA A 311 -18.80 -8.88 33.15
N TYR A 312 -18.06 -8.43 34.17
CA TYR A 312 -17.34 -7.17 34.12
C TYR A 312 -15.91 -7.37 34.61
N SER A 313 -14.96 -6.77 33.90
CA SER A 313 -13.55 -6.82 34.28
C SER A 313 -13.03 -5.40 34.36
N ASP A 314 -12.47 -5.04 35.52
CA ASP A 314 -11.97 -3.68 35.70
C ASP A 314 -10.59 -3.48 35.09
N GLY A 315 -9.80 -4.55 34.99
CA GLY A 315 -8.42 -4.43 34.52
C GLY A 315 -8.29 -3.63 33.24
N ALA A 316 -9.19 -3.87 32.29
CA ALA A 316 -9.34 -3.10 31.04
C ALA A 316 -7.98 -3.13 30.31
N LEU A 317 -7.65 -2.04 29.62
CA LEU A 317 -6.40 -2.02 28.80
C LEU A 317 -5.17 -1.83 29.70
N ARG A 318 -5.37 -1.32 30.92
CA ARG A 318 -4.23 -1.04 31.82
C ARG A 318 -3.43 -2.33 32.01
N GLU A 319 -4.13 -3.45 32.18
CA GLU A 319 -3.45 -4.76 32.39
C GLU A 319 -2.81 -5.20 31.07
N GLY A 320 -3.50 -5.00 29.94
CA GLY A 320 -2.91 -5.34 28.66
C GLY A 320 -1.53 -4.75 28.47
N VAL A 321 -1.37 -3.46 28.81
CA VAL A 321 -0.07 -2.80 28.66
C VAL A 321 0.96 -3.41 29.58
N MET A 322 0.56 -3.76 30.81
CA MET A 322 1.48 -4.42 31.72
C MET A 322 1.94 -5.76 31.17
N TYR A 323 1.02 -6.58 30.68
CA TYR A 323 1.44 -7.88 30.15
C TYR A 323 2.14 -7.74 28.81
N ASP A 324 1.81 -6.70 28.05
CA ASP A 324 2.64 -6.32 26.92
C ASP A 324 4.06 -6.04 27.38
N LEU A 325 4.20 -5.26 28.45
CA LEU A 325 5.51 -4.95 29.03
C LEU A 325 6.23 -6.20 29.52
N LEU A 326 5.49 -7.22 29.93
CA LEU A 326 6.13 -8.44 30.41
C LEU A 326 6.75 -9.22 29.26
N GLY A 327 6.06 -9.24 28.12
CA GLY A 327 6.67 -9.81 26.92
C GLY A 327 7.95 -9.11 26.51
N ARG A 328 7.97 -7.79 26.58
CA ARG A 328 9.21 -7.08 26.29
C ARG A 328 10.32 -7.47 27.27
N PHE A 329 9.96 -7.66 28.54
CA PHE A 329 10.90 -8.18 29.53
C PHE A 329 11.35 -9.60 29.18
N LYS A 330 10.42 -10.44 28.76
CA LYS A 330 10.75 -11.81 28.44
C LYS A 330 11.42 -11.96 27.07
N HIS A 331 11.64 -10.86 26.35
CA HIS A 331 12.21 -10.91 25.00
C HIS A 331 11.30 -11.69 24.06
N GLU A 332 10.00 -11.49 24.24
CA GLU A 332 8.97 -12.01 23.37
C GLU A 332 8.00 -10.87 23.06
N ASP A 333 8.53 -9.80 22.46
CA ASP A 333 7.76 -8.64 22.03
C ASP A 333 6.88 -9.02 20.84
N ILE A 334 5.60 -8.68 20.91
CA ILE A 334 4.69 -8.98 19.81
C ILE A 334 5.03 -8.13 18.59
N ARG A 335 5.47 -6.89 18.84
CA ARG A 335 5.91 -6.01 17.73
C ARG A 335 6.90 -6.79 16.86
N ASP A 336 7.81 -7.51 17.50
CA ASP A 336 8.81 -8.33 16.75
C ASP A 336 8.07 -9.39 15.94
N ARG A 337 7.09 -10.06 16.55
CA ARG A 337 6.38 -11.11 15.83
C ARG A 337 5.58 -10.54 14.65
N SER A 338 4.94 -9.39 14.85
CA SER A 338 4.26 -8.72 13.75
C SER A 338 5.23 -8.45 12.59
N VAL A 339 6.44 -7.96 12.91
CA VAL A 339 7.41 -7.61 11.87
C VAL A 339 7.66 -8.79 10.95
N GLN A 340 7.94 -9.96 11.54
CA GLN A 340 8.17 -11.16 10.74
C GLN A 340 6.92 -11.59 9.99
N ALA A 341 5.75 -11.19 10.47
CA ALA A 341 4.51 -11.53 9.76
C ALA A 341 4.34 -10.64 8.53
N LEU A 342 4.56 -9.33 8.69
CA LEU A 342 4.56 -8.40 7.57
C LEU A 342 5.56 -8.81 6.49
N MET A 343 6.74 -9.24 6.90
CA MET A 343 7.72 -9.72 5.92
C MET A 343 7.17 -10.86 5.09
N GLY A 344 6.35 -11.72 5.71
CA GLY A 344 5.83 -12.86 4.98
C GLY A 344 4.68 -12.50 4.08
N ARG A 345 3.84 -11.54 4.49
CA ARG A 345 2.77 -11.07 3.61
C ARG A 345 3.33 -10.43 2.36
N TYR A 346 4.44 -9.73 2.49
CA TYR A 346 4.98 -9.01 1.36
C TYR A 346 6.26 -9.64 0.84
N ASN A 347 6.53 -10.89 1.22
CA ASN A 347 7.57 -11.69 0.56
C ASN A 347 8.92 -10.97 0.51
N ALA A 348 9.24 -10.23 1.57
CA ALA A 348 10.53 -9.56 1.60
C ALA A 348 11.66 -10.59 1.59
N ASP A 349 12.79 -10.19 1.03
CA ASP A 349 13.93 -11.09 0.92
C ASP A 349 14.61 -11.21 2.29
N PRO A 350 14.57 -12.38 2.92
CA PRO A 350 15.13 -12.51 4.28
C PRO A 350 16.62 -12.31 4.34
N LYS A 351 17.36 -12.82 3.36
CA LYS A 351 18.80 -12.71 3.37
C LYS A 351 19.25 -11.28 3.11
N GLN A 352 18.44 -10.51 2.37
CA GLN A 352 18.76 -9.10 2.20
C GLN A 352 18.39 -8.31 3.43
N ALA A 353 17.24 -8.60 4.04
CA ALA A 353 16.90 -7.99 5.32
C ALA A 353 17.99 -8.26 6.35
N GLU A 354 18.48 -9.49 6.41
CA GLU A 354 19.54 -9.85 7.36
C GLU A 354 20.81 -9.02 7.12
N ARG A 355 21.23 -8.90 5.87
CA ARG A 355 22.42 -8.10 5.59
C ARG A 355 22.20 -6.64 5.97
N VAL A 356 21.01 -6.11 5.72
CA VAL A 356 20.77 -4.72 6.05
C VAL A 356 20.76 -4.52 7.56
N VAL A 357 20.03 -5.36 8.30
CA VAL A 357 19.87 -5.15 9.74
C VAL A 357 21.21 -5.31 10.48
N ASN A 358 22.08 -6.22 10.02
CA ASN A 358 23.41 -6.36 10.61
C ASN A 358 24.25 -5.12 10.34
N THR A 359 24.35 -4.71 9.08
CA THR A 359 25.13 -3.51 8.77
C THR A 359 24.66 -2.31 9.60
N ALA A 360 23.35 -2.20 9.82
CA ALA A 360 22.81 -1.06 10.54
C ALA A 360 23.21 -1.09 12.00
N GLN A 361 23.14 -2.29 12.61
CA GLN A 361 23.62 -2.47 13.98
C GLN A 361 25.07 -2.03 14.12
N TYR A 362 25.94 -2.53 13.23
CA TYR A 362 27.35 -2.14 13.25
C TYR A 362 27.52 -0.64 13.13
N LEU A 363 26.78 -0.02 12.23
CA LEU A 363 26.78 1.42 12.18
C LEU A 363 26.19 2.03 13.44
N PHE A 364 25.11 1.44 13.96
CA PHE A 364 24.48 1.96 15.17
C PHE A 364 25.46 1.92 16.35
N ASP A 365 26.10 0.78 16.56
CA ASP A 365 27.03 0.64 17.67
C ASP A 365 28.20 1.61 17.54
N SER A 366 28.67 1.82 16.31
CA SER A 366 29.79 2.72 16.06
C SER A 366 29.45 4.18 16.30
N VAL A 367 28.18 4.53 16.44
CA VAL A 367 27.77 5.90 16.75
C VAL A 367 26.85 5.95 17.95
N ALA A 368 26.77 4.84 18.69
CA ALA A 368 25.85 4.71 19.82
C ALA A 368 26.12 5.76 20.89
N LYS A 369 27.34 5.79 21.42
CA LYS A 369 27.66 6.77 22.47
C LYS A 369 27.56 8.21 21.98
N PRO A 370 28.19 8.63 20.88
CA PRO A 370 28.17 10.06 20.52
C PRO A 370 26.77 10.59 20.25
N LEU A 371 25.99 9.87 19.45
CA LEU A 371 24.64 10.30 19.10
C LEU A 371 23.67 10.18 20.25
N ASN A 372 24.01 9.38 21.28
CA ASN A 372 23.17 9.17 22.45
C ASN A 372 21.89 8.41 22.09
N LEU A 373 22.06 7.34 21.32
CA LEU A 373 20.92 6.56 20.86
C LEU A 373 20.57 5.49 21.89
N THR A 374 19.28 5.30 22.13
CA THR A 374 18.80 4.42 23.18
C THR A 374 18.66 2.98 22.68
N SER A 375 18.27 2.10 23.61
CA SER A 375 17.98 0.71 23.26
C SER A 375 16.71 0.61 22.42
N GLU A 376 15.75 1.50 22.66
CA GLU A 376 14.58 1.57 21.81
C GLU A 376 14.96 1.91 20.38
N ASP A 377 15.93 2.82 20.21
CA ASP A 377 16.32 3.25 18.87
C ASP A 377 16.91 2.09 18.08
N SER A 378 17.67 1.22 18.73
CA SER A 378 18.19 0.06 18.06
C SER A 378 17.06 -0.86 17.59
N ASP A 379 16.00 -0.95 18.37
CA ASP A 379 14.84 -1.75 17.98
C ASP A 379 14.11 -1.11 16.80
N LEU A 380 13.90 0.21 16.86
CA LEU A 380 13.29 0.90 15.73
C LEU A 380 14.04 0.63 14.43
N LEU A 381 15.36 0.75 14.47
CA LEU A 381 16.15 0.52 13.27
C LEU A 381 16.11 -0.94 12.84
N ARG A 382 16.14 -1.86 13.81
CA ARG A 382 16.10 -3.26 13.46
C ARG A 382 14.82 -3.62 12.73
N ARG A 383 13.68 -3.13 13.23
CA ARG A 383 12.42 -3.42 12.56
C ARG A 383 12.39 -2.80 11.17
N ALA A 384 12.61 -1.49 11.09
CA ALA A 384 12.66 -0.79 9.80
C ALA A 384 13.59 -1.47 8.81
N ALA A 385 14.76 -1.91 9.26
CA ALA A 385 15.64 -2.65 8.36
C ALA A 385 15.02 -3.97 7.90
N TYR A 386 14.19 -4.60 8.73
CA TYR A 386 13.50 -5.80 8.30
C TYR A 386 12.41 -5.50 7.28
N LEU A 387 11.79 -4.32 7.37
CA LEU A 387 10.58 -4.01 6.61
C LEU A 387 10.84 -3.10 5.42
N HIS A 388 12.08 -2.81 5.08
CA HIS A 388 12.30 -1.71 4.16
C HIS A 388 11.98 -2.08 2.71
N GLU A 389 11.99 -3.36 2.36
CA GLU A 389 11.71 -3.76 1.00
C GLU A 389 10.27 -4.21 0.79
N ILE A 390 9.39 -3.93 1.74
CA ILE A 390 8.07 -4.54 1.63
C ILE A 390 7.26 -3.91 0.50
N GLY A 391 7.51 -2.64 0.20
CA GLY A 391 6.78 -2.00 -0.89
C GLY A 391 7.07 -2.60 -2.25
N LEU A 392 8.18 -3.34 -2.36
CA LEU A 392 8.46 -4.11 -3.55
C LEU A 392 7.33 -5.04 -3.96
N ALA A 393 6.49 -5.48 -3.04
CA ALA A 393 5.34 -6.31 -3.41
C ALA A 393 4.23 -5.50 -4.03
N ILE A 394 4.37 -4.18 -4.08
CA ILE A 394 3.39 -3.30 -4.70
C ILE A 394 3.94 -2.90 -6.07
N SER A 395 5.13 -2.31 -6.11
CA SER A 395 5.80 -2.00 -7.37
C SER A 395 7.30 -1.84 -7.09
N HIS A 396 8.10 -1.96 -8.15
CA HIS A 396 9.54 -1.73 -8.01
C HIS A 396 9.93 -0.28 -8.19
N GLY A 397 8.97 0.60 -8.35
CA GLY A 397 9.34 1.98 -8.43
C GLY A 397 8.71 2.77 -7.33
N GLY A 398 9.53 3.35 -6.47
CA GLY A 398 8.95 4.06 -5.36
C GLY A 398 8.54 3.14 -4.25
N TYR A 399 9.12 1.93 -4.19
CA TYR A 399 8.75 0.95 -3.19
C TYR A 399 8.94 1.50 -1.78
N HIS A 400 9.89 2.42 -1.60
CA HIS A 400 10.09 3.03 -0.29
C HIS A 400 8.89 3.89 0.13
N ARG A 401 8.29 4.62 -0.83
CA ARG A 401 7.05 5.33 -0.52
C ARG A 401 5.91 4.37 -0.25
N HIS A 402 5.84 3.27 -1.01
CA HIS A 402 4.74 2.32 -0.84
C HIS A 402 4.85 1.62 0.51
N GLY A 403 6.01 1.01 0.78
CA GLY A 403 6.32 0.51 2.10
C GLY A 403 5.96 1.47 3.23
N ALA A 404 6.21 2.77 3.03
CA ALA A 404 5.85 3.71 4.07
C ALA A 404 4.34 3.80 4.25
N TYR A 405 3.61 3.80 3.14
CA TYR A 405 2.13 3.92 3.22
C TYR A 405 1.60 2.71 4.00
N LEU A 406 2.13 1.53 3.71
CA LEU A 406 1.69 0.30 4.39
C LEU A 406 1.92 0.46 5.90
N LEU A 407 3.16 0.75 6.31
CA LEU A 407 3.46 0.87 7.74
C LEU A 407 2.71 2.02 8.39
N GLN A 408 2.46 3.11 7.66
CA GLN A 408 1.71 4.19 8.27
C GLN A 408 0.29 3.76 8.58
N HIS A 409 -0.33 2.98 7.69
CA HIS A 409 -1.77 2.74 7.77
C HIS A 409 -2.18 1.35 8.25
N SER A 410 -1.29 0.35 8.20
CA SER A 410 -1.71 -1.01 8.51
C SER A 410 -2.07 -1.18 9.99
N ASP A 411 -2.89 -2.20 10.26
CA ASP A 411 -3.19 -2.60 11.64
C ASP A 411 -2.12 -3.60 12.05
N ILE A 412 -1.04 -3.09 12.62
CA ILE A 412 0.10 -3.91 13.06
C ILE A 412 0.00 -4.10 14.54
N PRO A 413 -0.29 -5.31 15.03
CA PRO A 413 -0.52 -5.53 16.45
C PRO A 413 0.77 -5.28 17.22
N GLY A 414 0.62 -4.60 18.35
CA GLY A 414 1.74 -4.19 19.14
C GLY A 414 2.25 -2.80 18.85
N PHE A 415 2.03 -2.30 17.63
CA PHE A 415 2.46 -0.96 17.28
C PHE A 415 1.35 0.03 17.60
N SER A 416 1.75 1.12 18.24
CA SER A 416 0.86 2.23 18.56
C SER A 416 1.02 3.28 17.47
N GLN A 417 0.23 4.35 17.55
CA GLN A 417 0.22 5.37 16.46
C GLN A 417 1.62 5.95 16.22
N ILE A 418 2.26 6.45 17.28
CA ILE A 418 3.59 7.10 17.11
C ILE A 418 4.62 6.06 16.68
N ASP A 419 4.52 4.82 17.17
CA ASP A 419 5.56 3.84 16.87
C ASP A 419 5.48 3.36 15.42
N GLN A 420 4.26 3.22 14.88
CA GLN A 420 4.05 3.07 13.44
C GLN A 420 4.66 4.23 12.66
N ASN A 421 4.41 5.47 13.12
CA ASN A 421 4.78 6.64 12.34
C ASN A 421 6.29 6.75 12.21
N HIS A 422 7.01 6.39 13.25
CA HIS A 422 8.46 6.39 13.16
C HIS A 422 8.94 5.27 12.27
N LEU A 423 8.27 4.12 12.33
CA LEU A 423 8.68 3.01 11.49
C LEU A 423 8.52 3.35 10.02
N SER A 424 7.39 3.96 9.65
CA SER A 424 7.19 4.31 8.27
C SER A 424 8.17 5.38 7.82
N HIS A 425 8.41 6.39 8.67
CA HIS A 425 9.36 7.45 8.34
C HIS A 425 10.73 6.89 7.95
N LEU A 426 11.22 5.91 8.68
CA LEU A 426 12.53 5.35 8.34
C LEU A 426 12.51 4.66 6.99
N VAL A 427 11.38 4.05 6.63
CA VAL A 427 11.30 3.38 5.33
C VAL A 427 11.07 4.40 4.22
N ALA A 428 10.38 5.49 4.55
CA ALA A 428 10.05 6.51 3.56
C ALA A 428 11.28 7.28 3.04
N HIS A 429 12.38 7.37 3.80
CA HIS A 429 13.51 8.18 3.32
C HIS A 429 14.80 7.42 3.11
N HIS A 430 14.70 6.11 2.86
CA HIS A 430 15.92 5.26 2.83
C HIS A 430 16.58 5.27 1.45
N ARG A 431 15.90 5.85 0.47
CA ARG A 431 16.50 5.96 -0.88
C ARG A 431 15.96 7.23 -1.54
N ARG A 432 16.48 7.56 -2.72
CA ARG A 432 16.01 8.73 -3.50
C ARG A 432 16.54 10.04 -2.90
N LYS A 433 15.93 11.17 -3.27
CA LYS A 433 16.49 12.49 -2.85
C LYS A 433 15.99 12.92 -1.46
N LEU A 434 16.82 13.63 -0.72
CA LEU A 434 16.44 14.19 0.57
C LEU A 434 16.20 15.68 0.42
N ARG A 435 15.15 16.17 1.08
CA ARG A 435 14.76 17.56 1.02
C ARG A 435 14.63 18.11 2.43
N ASN A 436 15.18 19.30 2.66
CA ASN A 436 15.16 19.89 4.04
C ASN A 436 13.71 20.03 4.49
N ASP A 437 12.78 20.21 3.55
CA ASP A 437 11.35 20.40 3.91
C ASP A 437 10.86 19.17 4.66
N VAL A 438 11.25 17.98 4.18
CA VAL A 438 10.82 16.72 4.84
C VAL A 438 11.62 16.54 6.12
N LYS A 439 12.92 16.87 6.09
CA LYS A 439 13.72 16.80 7.31
C LYS A 439 13.04 17.49 8.48
N ASN A 440 12.36 18.61 8.23
CA ASN A 440 11.63 19.26 9.32
C ASN A 440 10.45 18.40 9.77
N GLU A 441 9.74 17.77 8.83
CA GLU A 441 8.63 16.89 9.20
C GLU A 441 9.10 15.74 10.09
N VAL A 442 10.23 15.13 9.74
CA VAL A 442 10.84 14.09 10.55
C VAL A 442 11.19 14.61 11.94
N LEU A 443 11.73 15.82 12.02
CA LEU A 443 12.09 16.39 13.31
C LEU A 443 10.87 16.56 14.20
N LYS A 444 9.76 17.01 13.61
CA LYS A 444 8.53 17.11 14.38
C LYS A 444 8.11 15.74 14.90
N ALA A 445 8.29 14.70 14.10
CA ALA A 445 7.75 13.40 14.48
C ALA A 445 8.53 12.79 15.64
N GLY A 446 9.86 12.75 15.53
CA GLY A 446 10.69 12.15 16.57
C GLY A 446 12.05 12.79 16.72
N GLY A 447 12.13 14.09 16.43
CA GLY A 447 13.36 14.83 16.62
C GLY A 447 14.58 14.27 15.94
N HIS A 448 15.74 14.85 16.27
CA HIS A 448 16.98 14.53 15.57
C HIS A 448 17.29 13.05 15.62
N LYS A 449 16.81 12.34 16.65
CA LYS A 449 17.08 10.91 16.75
C LYS A 449 16.44 10.15 15.60
N LEU A 450 15.24 10.57 15.19
CA LEU A 450 14.62 9.96 14.01
C LEU A 450 15.42 10.28 12.76
N VAL A 451 15.93 11.51 12.64
CA VAL A 451 16.77 11.89 11.51
C VAL A 451 18.02 11.01 11.45
N TYR A 452 18.68 10.80 12.59
CA TYR A 452 19.91 10.01 12.62
C TYR A 452 19.66 8.57 12.23
N LEU A 453 18.51 8.03 12.62
CA LEU A 453 18.18 6.66 12.28
C LEU A 453 17.85 6.55 10.80
N SER A 454 17.04 7.49 10.31
CA SER A 454 16.80 7.63 8.87
C SER A 454 18.11 7.66 8.09
N LEU A 455 19.11 8.40 8.58
CA LEU A 455 20.41 8.42 7.92
C LEU A 455 21.14 7.09 8.04
N LEU A 456 21.17 6.53 9.24
CA LEU A 456 21.80 5.22 9.43
C LEU A 456 21.17 4.14 8.56
N LEU A 457 19.85 4.21 8.37
CA LEU A 457 19.22 3.24 7.47
C LEU A 457 19.59 3.50 6.02
N ARG A 458 19.77 4.77 5.64
CA ARG A 458 20.20 5.07 4.28
C ARG A 458 21.57 4.46 4.01
N LEU A 459 22.49 4.59 4.95
CA LEU A 459 23.81 4.00 4.76
C LEU A 459 23.76 2.48 4.76
N ALA A 460 22.84 1.88 5.52
CA ALA A 460 22.87 0.43 5.64
C ALA A 460 22.32 -0.25 4.39
N VAL A 461 21.41 0.43 3.70
CA VAL A 461 20.95 -0.06 2.40
C VAL A 461 22.00 0.20 1.33
N LEU A 462 22.53 1.42 1.28
CA LEU A 462 23.49 1.77 0.24
C LEU A 462 24.63 0.77 0.17
N LEU A 463 25.03 0.23 1.32
CA LEU A 463 26.13 -0.72 1.35
C LEU A 463 25.69 -2.12 0.93
N ASN A 464 24.41 -2.43 1.05
CA ASN A 464 23.92 -3.72 0.57
C ASN A 464 23.17 -3.59 -0.75
N HIS A 465 23.38 -2.48 -1.48
CA HIS A 465 22.74 -2.29 -2.78
C HIS A 465 23.07 -3.43 -3.73
N SER A 466 24.28 -3.95 -3.68
CA SER A 466 24.65 -5.11 -4.48
C SER A 466 23.90 -6.37 -4.07
N ARG A 467 23.20 -6.33 -2.95
CA ARG A 467 22.38 -7.45 -2.48
C ARG A 467 23.37 -8.59 -2.20
N SER A 468 23.21 -9.76 -2.82
CA SER A 468 24.08 -10.88 -2.48
C SER A 468 25.53 -10.48 -2.70
N ASP A 469 26.34 -10.70 -1.68
CA ASP A 469 27.73 -10.29 -1.69
C ASP A 469 28.60 -11.42 -1.18
N GLN A 470 29.80 -11.49 -1.76
CA GLN A 470 30.81 -12.44 -1.28
C GLN A 470 31.27 -12.08 0.13
N MET A 471 31.75 -10.85 0.31
CA MET A 471 32.31 -10.42 1.58
C MET A 471 32.09 -8.92 1.73
N LEU A 472 32.22 -8.43 2.96
CA LEU A 472 32.14 -7.01 3.24
C LEU A 472 33.03 -6.23 2.26
N PRO A 473 32.46 -5.30 1.49
CA PRO A 473 33.27 -4.62 0.48
C PRO A 473 34.34 -3.73 1.07
N ALA A 474 34.28 -3.43 2.35
CA ALA A 474 35.24 -2.50 2.95
C ALA A 474 35.09 -2.54 4.46
N ILE A 475 35.87 -1.71 5.12
CA ILE A 475 35.80 -1.58 6.57
C ILE A 475 34.51 -0.88 6.98
N GLU A 476 34.15 0.18 6.26
CA GLU A 476 32.94 0.96 6.52
C GLU A 476 32.84 1.32 8.00
N LEU A 477 33.78 2.12 8.47
CA LEU A 477 33.85 2.51 9.87
C LEU A 477 33.32 3.94 10.01
N THR A 478 32.26 4.10 10.80
CA THR A 478 31.58 5.39 10.90
C THR A 478 31.86 6.03 12.26
N ILE A 479 32.38 7.26 12.24
CA ILE A 479 32.60 8.02 13.50
C ILE A 479 31.86 9.34 13.34
N ILE A 480 31.74 10.13 14.41
CA ILE A 480 30.94 11.38 14.32
C ILE A 480 31.71 12.55 14.94
N ASN A 481 31.30 13.79 14.62
CA ASN A 481 31.92 14.99 15.23
C ASN A 481 30.78 15.90 15.68
N ASP A 482 30.29 16.76 14.79
CA ASP A 482 29.11 17.58 15.12
C ASP A 482 28.51 18.04 13.79
N GLN A 483 27.35 17.46 13.43
CA GLN A 483 26.75 17.67 12.12
C GLN A 483 27.72 17.32 10.99
N GLN A 484 28.72 16.50 11.31
CA GLN A 484 29.73 16.05 10.36
C GLN A 484 30.10 14.62 10.73
N TRP A 485 29.91 13.69 9.81
CA TRP A 485 30.21 12.28 10.05
C TRP A 485 31.38 11.87 9.18
N GLN A 486 32.09 10.82 9.59
CA GLN A 486 33.22 10.32 8.82
C GLN A 486 33.04 8.84 8.52
N LEU A 487 33.09 8.49 7.24
CA LEU A 487 32.99 7.11 6.81
C LEU A 487 34.31 6.69 6.21
N SER A 488 34.93 5.67 6.78
CA SER A 488 36.21 5.16 6.30
C SER A 488 35.98 3.87 5.52
N VAL A 489 36.61 3.77 4.36
CA VAL A 489 36.40 2.68 3.44
C VAL A 489 37.77 2.12 3.08
N SER A 490 37.92 0.80 3.13
CA SER A 490 39.20 0.17 2.86
C SER A 490 39.00 -1.23 2.30
N GLY A 491 39.70 -1.53 1.22
CA GLY A 491 39.60 -2.83 0.59
C GLY A 491 39.89 -2.72 -0.89
N ASP A 492 39.66 -3.82 -1.59
CA ASP A 492 39.90 -3.89 -3.03
C ASP A 492 38.82 -3.10 -3.75
N ALA A 493 39.16 -1.89 -4.21
CA ALA A 493 38.19 -1.06 -4.92
C ALA A 493 37.85 -1.61 -6.30
N LYS A 494 38.73 -2.43 -6.89
CA LYS A 494 38.41 -3.05 -8.17
C LYS A 494 37.12 -3.85 -8.09
N GLN A 495 36.97 -4.64 -7.03
CA GLN A 495 35.67 -5.19 -6.67
C GLN A 495 34.85 -4.16 -5.93
N TRP A 496 33.54 -4.13 -6.21
CA TRP A 496 32.64 -3.11 -5.64
C TRP A 496 33.11 -1.71 -5.97
N PRO A 497 33.11 -1.31 -7.24
CA PRO A 497 33.61 0.01 -7.63
C PRO A 497 32.55 1.09 -7.71
N LEU A 498 31.30 0.77 -7.39
CA LEU A 498 30.23 1.76 -7.44
C LEU A 498 30.04 2.47 -6.12
N LEU A 499 30.47 1.85 -5.02
CA LEU A 499 30.29 2.43 -3.69
C LEU A 499 30.86 3.84 -3.60
N VAL A 500 32.05 4.06 -4.19
CA VAL A 500 32.68 5.37 -4.13
C VAL A 500 31.75 6.44 -4.67
N ALA A 501 31.26 6.26 -5.90
CA ALA A 501 30.31 7.20 -6.47
C ALA A 501 29.03 7.26 -5.64
N ASP A 502 28.53 6.10 -5.23
CA ASP A 502 27.32 6.07 -4.41
C ASP A 502 27.50 6.89 -3.14
N LEU A 503 28.63 6.74 -2.46
CA LEU A 503 28.85 7.48 -1.23
C LEU A 503 29.00 8.98 -1.48
N HIS A 504 29.54 9.36 -2.64
CA HIS A 504 29.63 10.79 -2.97
C HIS A 504 28.29 11.37 -3.38
N ASP A 505 27.46 10.59 -4.09
CA ASP A 505 26.08 10.99 -4.30
C ASP A 505 25.34 11.13 -2.98
N GLU A 506 25.73 10.36 -1.96
CA GLU A 506 25.06 10.40 -0.67
C GLU A 506 25.47 11.61 0.16
N GLN A 507 26.69 12.11 -0.04
CA GLN A 507 27.10 13.34 0.63
C GLN A 507 26.14 14.50 0.33
N GLU A 508 25.71 14.64 -0.92
CA GLU A 508 24.84 15.76 -1.24
C GLU A 508 23.50 15.64 -0.55
N GLN A 509 22.94 14.43 -0.53
CA GLN A 509 21.68 14.20 0.15
C GLN A 509 21.79 14.45 1.65
N PHE A 510 22.89 14.00 2.26
CA PHE A 510 23.14 14.33 3.66
C PHE A 510 23.19 15.83 3.87
N LYS A 511 23.89 16.54 2.98
CA LYS A 511 23.95 18.00 3.03
C LYS A 511 22.57 18.62 3.01
N HIS A 512 21.63 18.02 2.28
CA HIS A 512 20.26 18.53 2.27
C HIS A 512 19.59 18.39 3.63
N TRP A 513 20.12 17.51 4.48
CA TRP A 513 19.66 17.35 5.84
C TRP A 513 20.67 17.92 6.84
N ASN A 514 21.50 18.85 6.37
CA ASN A 514 22.45 19.58 7.27
C ASN A 514 23.44 18.62 7.93
N ILE A 515 24.05 17.72 7.16
CA ILE A 515 25.05 16.83 7.71
C ILE A 515 26.17 16.72 6.67
N GLU A 516 27.40 16.83 7.13
CA GLU A 516 28.56 16.78 6.25
C GLU A 516 29.20 15.41 6.38
N LEU A 517 28.93 14.54 5.41
CA LEU A 517 29.46 13.19 5.42
C LEU A 517 30.73 13.15 4.57
N ASN A 518 31.87 12.89 5.21
CA ASN A 518 33.15 12.87 4.52
C ASN A 518 33.62 11.43 4.36
N ILE A 519 34.02 11.08 3.15
CA ILE A 519 34.36 9.70 2.81
C ILE A 519 35.88 9.60 2.67
N GLN A 520 36.46 8.61 3.32
CA GLN A 520 37.90 8.33 3.27
C GLN A 520 38.08 7.09 2.42
N SER A 521 38.31 7.30 1.12
CA SER A 521 38.50 6.18 0.22
C SER A 521 39.96 5.93 -0.10
N GLU A 522 40.87 6.63 0.60
CA GLU A 522 42.29 6.50 0.33
C GLU A 522 42.79 5.08 0.59
N LYS A 523 42.08 4.32 1.42
CA LYS A 523 42.43 2.93 1.68
C LYS A 523 41.62 1.96 0.83
N PHE A 524 40.74 2.46 -0.02
CA PHE A 524 39.94 1.63 -0.92
C PHE A 524 40.53 1.77 -2.32
N ILE A 525 41.34 0.79 -2.73
CA ILE A 525 41.95 0.84 -4.07
C ILE A 525 42.50 -0.53 -4.51
N ASP B 27 -12.31 -10.29 -41.61
CA ASP B 27 -12.95 -9.08 -41.11
C ASP B 27 -13.15 -9.18 -39.60
N GLU B 28 -14.15 -9.94 -39.17
CA GLU B 28 -14.38 -10.18 -37.74
C GLU B 28 -13.35 -11.11 -37.14
N GLU B 29 -12.59 -11.81 -37.97
CA GLU B 29 -11.47 -12.62 -37.53
C GLU B 29 -10.13 -11.87 -37.56
N LEU B 30 -10.16 -10.60 -37.91
CA LEU B 30 -8.97 -9.78 -38.02
C LEU B 30 -8.61 -9.14 -36.69
N LEU B 31 -7.31 -9.07 -36.42
CA LEU B 31 -6.69 -8.65 -35.16
C LEU B 31 -5.62 -7.59 -35.42
N ALA B 32 -5.57 -6.51 -34.63
CA ALA B 32 -4.56 -5.49 -34.90
C ALA B 32 -3.99 -4.88 -33.63
N ALA B 33 -2.74 -4.41 -33.73
CA ALA B 33 -2.00 -3.84 -32.61
C ALA B 33 -1.09 -2.73 -33.09
N ILE B 34 -1.13 -1.59 -32.39
CA ILE B 34 -0.22 -0.45 -32.70
C ILE B 34 0.67 -0.22 -31.48
N ASP B 35 1.99 -0.24 -31.66
CA ASP B 35 2.93 0.03 -30.55
C ASP B 35 3.58 1.41 -30.77
N MET B 36 3.26 2.37 -29.90
CA MET B 36 3.88 3.73 -30.01
C MET B 36 5.15 3.75 -29.15
N GLY B 37 6.29 3.46 -29.76
CA GLY B 37 7.54 3.38 -29.03
C GLY B 37 8.26 4.71 -28.96
N SER B 38 9.54 4.63 -28.56
CA SER B 38 10.34 5.86 -28.39
C SER B 38 10.92 6.35 -29.71
N ASN B 39 11.41 5.43 -30.54
CA ASN B 39 11.99 5.76 -31.84
C ASN B 39 11.03 5.51 -32.99
N SER B 40 10.15 4.53 -32.84
CA SER B 40 9.33 4.07 -33.95
C SER B 40 7.92 3.77 -33.46
N PHE B 41 6.98 3.88 -34.38
CA PHE B 41 5.63 3.39 -34.20
C PHE B 41 5.50 2.12 -35.02
N HIS B 42 4.90 1.09 -34.44
CA HIS B 42 4.76 -0.17 -35.15
C HIS B 42 3.29 -0.54 -35.28
N LEU B 43 2.97 -1.22 -36.35
CA LEU B 43 1.63 -1.74 -36.57
C LEU B 43 1.72 -3.20 -36.96
N ALA B 44 0.79 -4.01 -36.48
CA ALA B 44 0.65 -5.42 -36.87
C ALA B 44 -0.81 -5.77 -37.07
N ILE B 45 -1.10 -6.46 -38.15
CA ILE B 45 -2.42 -7.03 -38.40
C ILE B 45 -2.27 -8.54 -38.56
N ALA B 46 -3.30 -9.28 -38.14
CA ALA B 46 -3.32 -10.73 -38.21
C ALA B 46 -4.76 -11.20 -38.30
N ARG B 47 -4.93 -12.46 -38.71
CA ARG B 47 -6.28 -13.07 -38.77
C ARG B 47 -6.17 -14.45 -38.10
N VAL B 48 -7.14 -14.79 -37.26
CA VAL B 48 -7.14 -16.12 -36.59
C VAL B 48 -7.81 -17.12 -37.54
N ASP B 49 -7.02 -18.01 -38.15
CA ASP B 49 -7.59 -19.05 -39.06
C ASP B 49 -7.58 -20.39 -38.33
N HIS B 50 -8.75 -20.83 -37.86
CA HIS B 50 -8.85 -22.08 -37.09
C HIS B 50 -7.92 -21.95 -35.90
N GLY B 51 -7.03 -22.90 -35.64
CA GLY B 51 -6.15 -22.81 -34.51
C GLY B 51 -4.90 -21.98 -34.68
N GLU B 52 -4.67 -21.46 -35.88
CA GLU B 52 -3.46 -20.71 -36.20
C GLU B 52 -3.81 -19.26 -36.52
N VAL B 53 -2.86 -18.38 -36.22
CA VAL B 53 -2.97 -16.96 -36.53
C VAL B 53 -2.01 -16.66 -37.68
N LYS B 54 -2.54 -16.09 -38.76
CA LYS B 54 -1.70 -15.80 -39.95
C LYS B 54 -1.46 -14.29 -40.05
N LYS B 55 -0.19 -13.88 -40.04
CA LYS B 55 0.15 -12.44 -40.13
C LYS B 55 -0.46 -11.86 -41.40
N VAL B 56 -1.08 -10.68 -41.29
CA VAL B 56 -1.67 -9.99 -42.48
C VAL B 56 -0.76 -8.83 -42.89
N ALA B 57 -0.24 -8.08 -41.91
CA ALA B 57 0.61 -6.91 -42.23
C ALA B 57 1.48 -6.50 -41.04
N SER B 58 2.68 -5.95 -41.33
CA SER B 58 3.58 -5.47 -40.27
C SER B 58 4.29 -4.21 -40.76
N MET B 59 3.84 -3.04 -40.28
CA MET B 59 4.39 -1.76 -40.72
C MET B 59 5.15 -1.07 -39.61
N SER B 60 6.15 -0.29 -40.01
CA SER B 60 6.89 0.53 -39.07
C SER B 60 7.07 1.90 -39.66
N GLU B 61 7.22 2.88 -38.79
CA GLU B 61 7.40 4.27 -39.18
C GLU B 61 8.23 4.98 -38.13
N LYS B 62 9.27 5.66 -38.57
CA LYS B 62 10.10 6.44 -37.66
C LYS B 62 9.33 7.68 -37.25
N VAL B 63 9.07 7.81 -35.95
CA VAL B 63 8.41 8.96 -35.40
C VAL B 63 9.29 9.72 -34.44
N GLN B 64 10.18 9.02 -33.72
CA GLN B 64 11.21 9.66 -32.91
C GLN B 64 10.57 10.58 -31.87
N LEU B 65 9.44 10.10 -31.34
CA LEU B 65 8.77 10.76 -30.23
C LEU B 65 9.72 11.08 -29.07
N ALA B 66 10.60 10.12 -28.71
CA ALA B 66 11.58 10.38 -27.65
C ALA B 66 12.44 11.61 -27.94
N ALA B 67 12.89 11.76 -29.18
CA ALA B 67 13.77 12.88 -29.51
C ALA B 67 13.02 14.21 -29.42
N GLY B 68 11.70 14.18 -29.50
CA GLY B 68 10.86 15.34 -29.35
C GLY B 68 10.67 15.82 -27.93
N LEU B 69 11.25 15.17 -26.93
CA LEU B 69 11.05 15.57 -25.55
C LEU B 69 12.00 16.70 -25.17
N ASP B 70 11.45 17.75 -24.57
CA ASP B 70 12.24 18.93 -24.22
C ASP B 70 13.04 18.69 -22.94
N GLU B 71 13.82 19.69 -22.55
CA GLU B 71 14.47 19.67 -21.25
C GLU B 71 13.43 19.67 -20.13
N ASN B 72 12.27 20.24 -20.38
CA ASN B 72 11.11 20.10 -19.51
C ASN B 72 10.31 18.82 -19.77
N LYS B 73 10.93 17.80 -20.38
CA LYS B 73 10.26 16.53 -20.69
C LYS B 73 8.94 16.78 -21.40
N ASN B 74 8.91 17.82 -22.22
CA ASN B 74 7.70 18.23 -22.92
C ASN B 74 7.83 17.89 -24.41
N LEU B 75 6.77 17.31 -24.97
CA LEU B 75 6.78 16.90 -26.36
C LEU B 75 6.55 18.07 -27.29
N THR B 76 7.54 18.31 -28.15
CA THR B 76 7.44 19.43 -29.12
C THR B 76 6.28 19.18 -30.07
N GLU B 77 5.68 20.25 -30.57
CA GLU B 77 4.58 20.11 -31.51
C GLU B 77 4.98 19.32 -32.75
N ALA B 78 6.24 19.42 -33.15
CA ALA B 78 6.69 18.69 -34.32
C ALA B 78 6.62 17.19 -34.10
N ALA B 79 6.98 16.75 -32.90
CA ALA B 79 6.94 15.34 -32.57
C ALA B 79 5.51 14.82 -32.51
N GLN B 80 4.61 15.60 -31.90
CA GLN B 80 3.23 15.17 -31.84
C GLN B 80 2.60 15.09 -33.21
N GLN B 81 2.93 16.04 -34.12
CA GLN B 81 2.40 15.99 -35.47
C GLN B 81 2.92 14.79 -36.25
N ARG B 82 4.22 14.52 -36.21
CA ARG B 82 4.73 13.28 -36.75
C ARG B 82 4.00 12.09 -36.17
N GLY B 83 3.78 12.10 -34.86
CA GLY B 83 3.01 11.04 -34.26
C GLY B 83 1.59 10.99 -34.78
N LEU B 84 0.97 12.15 -34.95
CA LEU B 84 -0.42 12.10 -35.38
C LEU B 84 -0.53 11.78 -36.87
N ALA B 85 0.50 12.08 -37.64
CA ALA B 85 0.51 11.72 -39.06
C ALA B 85 0.65 10.21 -39.22
N CYS B 86 1.53 9.59 -38.44
CA CYS B 86 1.68 8.15 -38.53
C CYS B 86 0.41 7.40 -38.10
N LEU B 87 -0.24 7.86 -37.02
CA LEU B 87 -1.43 7.17 -36.57
C LEU B 87 -2.56 7.31 -37.57
N ALA B 88 -2.60 8.43 -38.28
CA ALA B 88 -3.65 8.61 -39.28
C ALA B 88 -3.49 7.64 -40.46
N ARG B 89 -2.25 7.24 -40.76
CA ARG B 89 -2.01 6.24 -41.79
C ARG B 89 -2.30 4.85 -41.30
N PHE B 90 -1.81 4.51 -40.10
CA PHE B 90 -2.12 3.22 -39.50
C PHE B 90 -3.62 2.98 -39.47
N VAL B 91 -4.37 3.97 -39.00
CA VAL B 91 -5.83 3.90 -39.01
C VAL B 91 -6.36 3.63 -40.40
N GLY B 92 -5.89 4.42 -41.37
CA GLY B 92 -6.25 4.19 -42.76
C GLY B 92 -6.13 2.73 -43.19
N ARG B 93 -5.19 2.00 -42.62
CA ARG B 93 -4.98 0.58 -42.92
C ARG B 93 -5.75 -0.36 -42.01
N LEU B 94 -6.53 0.15 -41.06
CA LEU B 94 -7.21 -0.68 -40.06
C LEU B 94 -8.73 -0.65 -40.18
N GLY B 95 -9.24 -0.11 -41.28
CA GLY B 95 -10.67 0.12 -41.38
C GLY B 95 -11.50 -1.15 -41.32
N SER B 96 -10.89 -2.30 -41.55
CA SER B 96 -11.59 -3.58 -41.54
C SER B 96 -11.22 -4.44 -40.35
N VAL B 97 -10.87 -3.85 -39.20
CA VAL B 97 -10.71 -4.62 -37.96
C VAL B 97 -11.63 -4.06 -36.90
N GLN B 98 -12.29 -4.97 -36.19
CA GLN B 98 -13.20 -4.61 -35.11
C GLN B 98 -12.45 -3.79 -34.05
N PRO B 99 -12.97 -2.61 -33.65
CA PRO B 99 -12.31 -1.83 -32.60
C PRO B 99 -12.17 -2.58 -31.27
N ASN B 100 -13.03 -3.58 -31.04
CA ASN B 100 -12.86 -4.46 -29.91
C ASN B 100 -11.71 -5.46 -30.11
N ARG B 101 -11.15 -5.55 -31.31
CA ARG B 101 -10.06 -6.47 -31.60
C ARG B 101 -8.77 -5.75 -31.95
N LEU B 102 -8.67 -4.49 -31.53
CA LEU B 102 -7.49 -3.65 -31.67
C LEU B 102 -7.06 -3.16 -30.29
N ARG B 103 -5.75 -3.03 -30.10
CA ARG B 103 -5.17 -2.38 -28.92
C ARG B 103 -4.00 -1.50 -29.32
N ILE B 104 -4.03 -0.26 -28.83
CA ILE B 104 -2.97 0.72 -29.04
C ILE B 104 -2.27 0.99 -27.71
N VAL B 105 -0.99 0.67 -27.64
CA VAL B 105 -0.21 0.87 -26.43
C VAL B 105 0.91 1.86 -26.69
N ALA B 106 1.40 2.44 -25.58
CA ALA B 106 2.41 3.48 -25.54
C ALA B 106 3.32 3.24 -24.35
N THR B 107 4.61 3.51 -24.55
CA THR B 107 5.61 3.13 -23.56
C THR B 107 6.40 4.30 -22.97
N ASN B 108 7.73 4.25 -23.05
CA ASN B 108 8.51 5.10 -22.15
C ASN B 108 8.29 6.58 -22.45
N ALA B 109 8.19 6.95 -23.72
CA ALA B 109 8.19 8.37 -24.09
C ALA B 109 6.91 9.05 -23.68
N LEU B 110 5.78 8.31 -23.67
CA LEU B 110 4.54 8.87 -23.13
C LEU B 110 4.49 8.79 -21.62
N ARG B 111 5.11 7.77 -21.02
CA ARG B 111 5.25 7.77 -19.57
C ARG B 111 5.92 9.06 -19.11
N GLN B 112 7.06 9.39 -19.72
CA GLN B 112 7.87 10.54 -19.32
C GLN B 112 7.19 11.89 -19.63
N ALA B 113 6.62 11.99 -20.83
CA ALA B 113 6.01 13.27 -21.30
C ALA B 113 5.15 13.94 -20.24
N LYS B 114 5.35 15.26 -20.05
CA LYS B 114 4.48 16.02 -19.11
C LYS B 114 3.23 16.47 -19.88
N ASN B 115 3.33 16.57 -21.20
CA ASN B 115 2.17 16.99 -22.03
C ASN B 115 1.58 15.79 -22.76
N GLY B 116 1.87 14.57 -22.28
CA GLY B 116 1.32 13.39 -22.92
C GLY B 116 -0.19 13.37 -23.02
N HIS B 117 -0.90 13.96 -22.05
CA HIS B 117 -2.36 13.97 -22.13
C HIS B 117 -2.84 14.73 -23.35
N GLU B 118 -2.13 15.79 -23.72
CA GLU B 118 -2.47 16.54 -24.92
C GLU B 118 -2.35 15.66 -26.16
N PHE B 119 -1.21 14.97 -26.28
CA PHE B 119 -1.00 14.12 -27.44
C PHE B 119 -2.09 13.06 -27.54
N ILE B 120 -2.48 12.48 -26.41
CA ILE B 120 -3.45 11.38 -26.41
C ILE B 120 -4.83 11.90 -26.80
N GLN B 121 -5.20 13.08 -26.29
CA GLN B 121 -6.49 13.67 -26.63
C GLN B 121 -6.54 14.19 -28.07
N LYS B 122 -5.38 14.55 -28.62
CA LYS B 122 -5.35 14.82 -30.06
C LYS B 122 -5.49 13.54 -30.85
N ALA B 123 -4.96 12.42 -30.32
CA ALA B 123 -5.11 11.13 -30.97
C ALA B 123 -6.55 10.64 -30.91
N ALA B 124 -7.27 10.93 -29.82
CA ALA B 124 -8.59 10.34 -29.64
C ALA B 124 -9.53 10.70 -30.79
N GLU B 125 -9.28 11.83 -31.44
CA GLU B 125 -10.09 12.24 -32.57
C GLU B 125 -9.78 11.50 -33.86
N ILE B 126 -8.66 10.77 -33.96
CA ILE B 126 -8.33 10.07 -35.19
C ILE B 126 -8.26 8.56 -35.02
N LEU B 127 -8.17 8.03 -33.76
CA LEU B 127 -8.05 6.64 -33.39
C LEU B 127 -9.39 6.05 -32.99
N PRO B 128 -9.64 4.79 -33.33
CA PRO B 128 -10.90 4.15 -32.94
C PRO B 128 -10.94 3.67 -31.50
N LYS B 129 -9.81 3.73 -30.80
CA LYS B 129 -9.56 3.10 -29.51
C LYS B 129 -8.59 4.02 -28.78
N PRO B 130 -8.78 4.22 -27.48
CA PRO B 130 -7.87 5.11 -26.75
C PRO B 130 -6.47 4.50 -26.64
N ILE B 131 -5.48 5.39 -26.63
CA ILE B 131 -4.10 4.97 -26.35
C ILE B 131 -4.00 4.56 -24.89
N GLU B 132 -3.27 3.50 -24.63
CA GLU B 132 -3.10 2.99 -23.28
C GLU B 132 -1.61 3.05 -22.99
N ILE B 133 -1.19 4.00 -22.14
CA ILE B 133 0.18 3.92 -21.65
C ILE B 133 0.35 2.68 -20.77
N ILE B 134 1.47 2.00 -20.92
CA ILE B 134 1.70 0.81 -20.12
C ILE B 134 3.02 0.95 -19.39
N ALA B 135 3.02 0.48 -18.14
CA ALA B 135 4.20 0.53 -17.26
C ALA B 135 5.33 -0.31 -17.82
N GLY B 136 6.54 0.05 -17.42
CA GLY B 136 7.72 -0.68 -17.82
C GLY B 136 7.59 -2.19 -17.62
N ARG B 137 7.08 -2.60 -16.46
CA ARG B 137 7.06 -4.03 -16.18
C ARG B 137 5.99 -4.72 -17.01
N GLU B 138 4.82 -4.10 -17.16
CA GLU B 138 3.86 -4.58 -18.15
C GLU B 138 4.48 -4.67 -19.54
N GLU B 139 5.33 -3.71 -19.88
CA GLU B 139 5.96 -3.73 -21.19
C GLU B 139 6.89 -4.91 -21.32
N ALA B 140 7.83 -5.06 -20.39
CA ALA B 140 8.70 -6.25 -20.34
C ALA B 140 7.91 -7.54 -20.49
N ARG B 141 6.72 -7.60 -19.87
CA ARG B 141 5.91 -8.82 -19.97
C ARG B 141 5.51 -9.08 -21.42
N LEU B 142 4.93 -8.06 -22.07
CA LEU B 142 4.46 -8.25 -23.44
C LEU B 142 5.62 -8.43 -24.40
N ILE B 143 6.78 -7.84 -24.12
CA ILE B 143 7.92 -8.16 -24.97
C ILE B 143 8.29 -9.62 -24.81
N TYR B 144 8.31 -10.12 -23.55
CA TYR B 144 8.55 -11.55 -23.33
C TYR B 144 7.59 -12.42 -24.14
N LEU B 145 6.30 -12.11 -24.13
CA LEU B 145 5.36 -12.86 -24.94
C LEU B 145 5.78 -12.93 -26.39
N GLY B 146 6.07 -11.78 -27.01
CA GLY B 146 6.31 -11.78 -28.45
C GLY B 146 7.60 -12.47 -28.84
N VAL B 147 8.63 -12.37 -27.99
CA VAL B 147 9.86 -13.11 -28.22
C VAL B 147 9.64 -14.58 -28.02
N SER B 148 8.82 -14.93 -27.02
CA SER B 148 8.57 -16.33 -26.69
C SER B 148 8.02 -17.06 -27.89
N HIS B 149 6.88 -16.58 -28.40
CA HIS B 149 6.18 -17.17 -29.52
C HIS B 149 6.98 -17.11 -30.81
N THR B 150 8.20 -16.63 -30.76
CA THR B 150 9.05 -16.53 -31.95
C THR B 150 10.01 -17.70 -31.88
N MET B 151 11.04 -17.58 -31.05
CA MET B 151 11.95 -18.68 -30.74
C MET B 151 11.29 -19.51 -29.64
N ALA B 152 10.57 -20.55 -30.08
CA ALA B 152 9.88 -21.44 -29.11
C ALA B 152 10.81 -22.60 -28.76
N ASN B 153 11.74 -22.39 -27.82
CA ASN B 153 12.67 -23.46 -27.39
C ASN B 153 12.54 -23.65 -25.89
N GLY B 154 12.19 -24.87 -25.43
CA GLY B 154 12.07 -25.14 -23.99
C GLY B 154 13.35 -24.80 -23.26
N GLY B 155 13.24 -24.18 -22.08
CA GLY B 155 14.42 -23.79 -21.30
C GLY B 155 14.25 -22.43 -20.67
N ARG B 156 15.08 -22.09 -19.69
CA ARG B 156 14.99 -20.79 -19.05
C ARG B 156 15.73 -19.77 -19.90
N ARG B 157 15.08 -18.63 -20.19
CA ARG B 157 15.56 -17.63 -21.13
C ARG B 157 15.63 -16.23 -20.52
N LEU B 158 16.73 -15.53 -20.78
CA LEU B 158 16.91 -14.10 -20.52
C LEU B 158 16.64 -13.30 -21.79
N VAL B 159 15.71 -12.36 -21.69
CA VAL B 159 15.35 -11.50 -22.85
C VAL B 159 15.74 -10.05 -22.55
N VAL B 160 16.61 -9.48 -23.37
CA VAL B 160 17.04 -8.07 -23.19
C VAL B 160 16.46 -7.22 -24.32
N ASP B 161 15.80 -6.10 -23.99
CA ASP B 161 15.23 -5.20 -25.02
C ASP B 161 15.73 -3.77 -24.78
N ILE B 162 16.80 -3.37 -25.47
CA ILE B 162 17.32 -1.98 -25.35
C ILE B 162 16.46 -1.08 -26.25
N GLY B 163 15.61 -0.24 -25.66
CA GLY B 163 14.76 0.66 -26.43
C GLY B 163 15.33 2.07 -26.47
N GLY B 164 14.54 3.02 -26.96
CA GLY B 164 15.00 4.40 -27.01
C GLY B 164 15.11 5.02 -25.63
N GLY B 165 14.12 4.78 -24.78
CA GLY B 165 14.20 5.35 -23.45
C GLY B 165 14.42 4.44 -22.25
N SER B 166 14.27 3.12 -22.40
CA SER B 166 14.26 2.20 -21.26
C SER B 166 14.67 0.80 -21.74
N THR B 167 15.07 -0.05 -20.80
CA THR B 167 15.55 -1.37 -21.17
C THR B 167 14.91 -2.42 -20.28
N GLU B 168 14.27 -3.39 -20.93
CA GLU B 168 13.47 -4.41 -20.26
C GLU B 168 14.29 -5.68 -20.17
N PHE B 169 14.36 -6.26 -18.99
CA PHE B 169 15.00 -7.54 -18.76
C PHE B 169 13.96 -8.50 -18.20
N ILE B 170 13.78 -9.62 -18.88
CA ILE B 170 12.83 -10.66 -18.46
C ILE B 170 13.53 -12.00 -18.46
N ILE B 171 13.47 -12.69 -17.30
CA ILE B 171 13.75 -14.12 -17.20
C ILE B 171 12.42 -14.85 -17.17
N GLY B 172 12.29 -15.86 -18.00
CA GLY B 172 11.03 -16.58 -18.09
C GLY B 172 11.32 -17.99 -18.57
N GLU B 173 10.25 -18.79 -18.67
CA GLU B 173 10.29 -20.14 -19.23
C GLU B 173 9.01 -20.32 -20.02
N GLU B 174 9.11 -20.87 -21.22
CA GLU B 174 7.94 -21.13 -22.06
C GLU B 174 7.30 -19.77 -22.36
N PHE B 175 6.01 -19.60 -22.15
CA PHE B 175 5.30 -18.38 -22.44
C PHE B 175 5.01 -17.60 -21.17
N GLU B 176 5.81 -17.80 -20.12
CA GLU B 176 5.51 -17.27 -18.79
C GLU B 176 6.75 -16.64 -18.17
N PRO B 177 6.73 -15.34 -17.91
CA PRO B 177 7.85 -14.71 -17.22
C PRO B 177 7.91 -15.13 -15.75
N ILE B 178 9.14 -15.35 -15.31
CA ILE B 178 9.49 -15.47 -13.92
C ILE B 178 9.87 -14.11 -13.29
N TYR B 179 10.85 -13.40 -13.86
CA TYR B 179 11.16 -12.03 -13.45
C TYR B 179 10.95 -11.05 -14.61
N THR B 180 10.46 -9.86 -14.30
CA THR B 180 10.41 -8.76 -15.25
C THR B 180 10.97 -7.47 -14.63
N GLU B 181 11.78 -6.74 -15.39
CA GLU B 181 12.33 -5.47 -14.91
C GLU B 181 12.47 -4.47 -16.04
N SER B 182 12.52 -3.20 -15.67
CA SER B 182 12.50 -2.12 -16.65
C SER B 182 13.41 -1.00 -16.17
N LEU B 183 14.56 -0.85 -16.82
CA LEU B 183 15.59 0.12 -16.45
C LEU B 183 15.58 1.35 -17.36
N GLN B 184 15.70 2.53 -16.74
CA GLN B 184 15.70 3.81 -17.47
C GLN B 184 17.05 4.05 -18.15
N MET B 185 17.36 3.24 -19.15
CA MET B 185 18.52 3.50 -20.00
C MET B 185 18.15 3.13 -21.43
N GLY B 186 18.65 3.91 -22.39
CA GLY B 186 18.30 3.69 -23.78
C GLY B 186 19.22 4.42 -24.72
N CYS B 187 19.10 4.08 -26.01
CA CYS B 187 20.02 4.58 -27.03
C CYS B 187 19.87 6.09 -27.23
N VAL B 188 18.65 6.62 -27.13
CA VAL B 188 18.41 8.03 -27.42
C VAL B 188 18.67 8.89 -26.19
N ALA B 189 18.31 8.39 -25.01
CA ALA B 189 18.61 9.15 -23.80
C ALA B 189 20.11 9.25 -23.57
N TYR B 190 20.82 8.14 -23.80
CA TYR B 190 22.25 8.08 -23.57
C TYR B 190 23.04 8.85 -24.62
N THR B 191 22.56 8.94 -25.87
CA THR B 191 23.29 9.79 -26.79
C THR B 191 23.15 11.26 -26.39
N LYS B 192 21.94 11.68 -26.01
CA LYS B 192 21.71 13.04 -25.55
C LYS B 192 22.61 13.41 -24.37
N ALA B 193 23.05 12.43 -23.58
CA ALA B 193 23.83 12.71 -22.39
C ALA B 193 25.34 12.53 -22.58
N TYR B 194 25.79 11.68 -23.50
CA TYR B 194 27.20 11.36 -23.62
C TYR B 194 27.77 11.47 -25.05
N PHE B 195 26.92 11.53 -26.07
CA PHE B 195 27.35 11.59 -27.45
C PHE B 195 26.51 12.58 -28.25
N ALA B 196 26.04 13.63 -27.59
CA ALA B 196 25.17 14.64 -28.20
C ALA B 196 25.80 15.27 -29.43
N ASP B 197 27.06 15.69 -29.29
CA ASP B 197 27.74 16.30 -30.41
C ASP B 197 27.97 15.34 -31.57
N GLY B 198 27.98 14.03 -31.29
CA GLY B 198 28.34 13.04 -32.28
C GLY B 198 29.77 12.55 -32.21
N GLU B 199 30.51 12.97 -31.20
CA GLU B 199 31.92 12.64 -31.11
C GLU B 199 32.12 11.38 -30.28
N ILE B 200 32.91 10.44 -30.83
CA ILE B 200 33.18 9.16 -30.12
C ILE B 200 34.51 9.29 -29.36
N THR B 201 34.46 9.34 -28.03
CA THR B 201 35.69 9.40 -27.20
C THR B 201 35.62 8.30 -26.14
N GLN B 202 36.70 7.52 -26.01
CA GLN B 202 36.71 6.48 -24.95
C GLN B 202 36.14 7.09 -23.67
N LYS B 203 36.51 8.35 -23.37
CA LYS B 203 36.02 8.99 -22.16
C LYS B 203 34.49 9.00 -22.11
N ALA B 204 33.85 9.42 -23.21
CA ALA B 204 32.40 9.44 -23.24
C ALA B 204 31.82 8.02 -23.26
N PHE B 205 32.55 7.07 -23.81
CA PHE B 205 32.05 5.71 -23.91
C PHE B 205 32.08 5.02 -22.55
N ASP B 206 33.14 5.25 -21.78
CA ASP B 206 33.25 4.73 -20.41
C ASP B 206 32.20 5.36 -19.51
N LYS B 207 31.94 6.65 -19.65
CA LYS B 207 30.88 7.26 -18.86
C LYS B 207 29.54 6.62 -19.18
N ALA B 208 29.30 6.28 -20.46
CA ALA B 208 28.06 5.63 -20.84
C ALA B 208 27.99 4.20 -20.30
N VAL B 209 29.13 3.52 -20.18
CA VAL B 209 29.16 2.17 -19.65
C VAL B 209 28.96 2.20 -18.13
N VAL B 210 29.60 3.16 -17.46
CA VAL B 210 29.49 3.26 -16.00
C VAL B 210 28.06 3.58 -15.60
N ALA B 211 27.45 4.53 -16.29
CA ALA B 211 26.05 4.86 -16.03
C ALA B 211 25.14 3.64 -16.20
N ALA B 212 25.42 2.80 -17.20
CA ALA B 212 24.54 1.65 -17.39
C ALA B 212 24.84 0.60 -16.33
N ARG B 213 26.09 0.51 -15.89
CA ARG B 213 26.44 -0.44 -14.80
C ARG B 213 25.68 -0.04 -13.53
N LYS B 214 25.55 1.27 -13.27
CA LYS B 214 24.79 1.75 -12.09
C LYS B 214 23.35 1.22 -12.21
N GLU B 215 22.75 1.39 -13.39
CA GLU B 215 21.39 0.88 -13.62
C GLU B 215 21.29 -0.62 -13.38
N LEU B 216 22.14 -1.38 -14.05
CA LEU B 216 22.15 -2.83 -13.96
C LEU B 216 22.43 -3.32 -12.56
N SER B 217 23.06 -2.51 -11.71
CA SER B 217 23.36 -2.95 -10.35
C SER B 217 22.10 -3.26 -9.56
N ALA B 218 20.98 -2.60 -9.88
CA ALA B 218 19.77 -2.77 -9.07
C ALA B 218 19.18 -4.16 -9.20
N ILE B 219 19.46 -4.87 -10.30
CA ILE B 219 18.88 -6.18 -10.54
C ILE B 219 19.93 -7.26 -10.76
N ALA B 220 21.22 -6.92 -10.74
CA ALA B 220 22.26 -7.82 -11.22
C ALA B 220 22.26 -9.16 -10.51
N THR B 221 22.70 -9.18 -9.25
CA THR B 221 22.88 -10.43 -8.53
C THR B 221 21.58 -11.23 -8.47
N THR B 222 20.45 -10.54 -8.22
CA THR B 222 19.16 -11.20 -8.21
C THR B 222 18.93 -12.00 -9.50
N TYR B 223 19.05 -11.30 -10.64
CA TYR B 223 18.86 -11.94 -11.95
C TYR B 223 19.86 -13.08 -12.17
N LYS B 224 21.14 -12.80 -11.94
CA LYS B 224 22.18 -13.80 -12.20
C LYS B 224 21.94 -15.06 -11.39
N MET B 225 21.64 -14.91 -10.10
CA MET B 225 21.25 -16.04 -9.27
C MET B 225 20.21 -16.89 -9.97
N GLU B 226 19.12 -16.27 -10.41
CA GLU B 226 18.08 -17.03 -11.10
C GLU B 226 18.61 -17.76 -12.33
N GLY B 227 19.45 -17.09 -13.12
CA GLY B 227 20.19 -17.71 -14.20
C GLY B 227 19.33 -18.05 -15.41
N TRP B 228 20.01 -18.48 -16.48
CA TRP B 228 19.29 -18.74 -17.75
C TRP B 228 20.05 -19.78 -18.57
N ASP B 229 19.38 -20.41 -19.53
CA ASP B 229 20.06 -21.38 -20.42
C ASP B 229 20.30 -20.69 -21.77
N THR B 230 19.52 -19.64 -22.07
CA THR B 230 19.64 -18.95 -23.38
C THR B 230 19.36 -17.45 -23.20
N VAL B 231 19.94 -16.62 -24.08
CA VAL B 231 19.69 -15.16 -24.04
C VAL B 231 19.21 -14.70 -25.41
N VAL B 232 18.09 -14.00 -25.44
CA VAL B 232 17.56 -13.44 -26.67
C VAL B 232 17.49 -11.92 -26.55
N GLY B 233 17.79 -11.24 -27.66
CA GLY B 233 17.67 -9.77 -27.68
C GLY B 233 16.63 -9.33 -28.67
N SER B 234 15.77 -8.38 -28.29
CA SER B 234 14.77 -7.83 -29.23
C SER B 234 14.89 -6.31 -29.19
N SER B 235 15.30 -5.68 -30.30
CA SER B 235 15.51 -4.21 -30.32
C SER B 235 16.18 -3.79 -31.63
N GLY B 236 16.02 -2.54 -32.03
CA GLY B 236 16.76 -2.04 -33.21
C GLY B 236 18.23 -1.98 -32.87
N THR B 237 18.55 -1.55 -31.65
CA THR B 237 19.96 -1.53 -31.20
C THR B 237 20.53 -2.93 -31.35
N ILE B 238 19.84 -3.94 -30.83
CA ILE B 238 20.37 -5.30 -30.91
C ILE B 238 20.37 -5.79 -32.35
N LYS B 239 19.28 -5.52 -33.07
CA LYS B 239 19.20 -5.84 -34.49
C LYS B 239 20.40 -5.30 -35.26
N ALA B 240 20.72 -4.02 -35.06
CA ALA B 240 21.78 -3.40 -35.86
C ALA B 240 23.15 -3.95 -35.49
N CYS B 241 23.39 -4.23 -34.20
CA CYS B 241 24.65 -4.85 -33.78
C CYS B 241 24.82 -6.26 -34.36
N ARG B 242 23.75 -7.06 -34.37
CA ARG B 242 23.85 -8.38 -34.95
C ARG B 242 24.18 -8.31 -36.44
N GLN B 243 23.62 -7.32 -37.15
CA GLN B 243 23.92 -7.20 -38.57
C GLN B 243 25.37 -6.78 -38.80
N ILE B 244 25.83 -5.73 -38.12
CA ILE B 244 27.19 -5.28 -38.35
C ILE B 244 28.21 -6.31 -37.91
N MET B 245 27.86 -7.16 -36.94
CA MET B 245 28.80 -8.16 -36.46
C MET B 245 28.83 -9.40 -37.35
N VAL B 246 27.74 -9.71 -38.05
CA VAL B 246 27.84 -10.78 -39.05
C VAL B 246 28.56 -10.26 -40.28
N ASN B 247 28.22 -9.07 -40.77
CA ASN B 247 28.89 -8.52 -41.95
C ASN B 247 30.39 -8.41 -41.72
N MET B 248 30.80 -7.96 -40.54
CA MET B 248 32.22 -7.80 -40.24
C MET B 248 32.85 -9.07 -39.67
N GLY B 249 32.13 -10.19 -39.64
CA GLY B 249 32.71 -11.45 -39.24
C GLY B 249 32.96 -11.59 -37.76
N LEU B 250 32.25 -10.83 -36.94
CA LEU B 250 32.43 -10.83 -35.49
C LEU B 250 31.38 -11.64 -34.75
N SER B 251 30.51 -12.36 -35.46
CA SER B 251 29.48 -13.17 -34.86
C SER B 251 29.95 -14.61 -34.73
N ASP B 252 29.08 -15.57 -35.07
CA ASP B 252 29.42 -16.99 -34.98
C ASP B 252 28.60 -17.76 -36.00
N GLU B 253 28.55 -19.09 -35.83
CA GLU B 253 27.85 -19.95 -36.78
C GLU B 253 26.35 -19.76 -36.72
N GLN B 254 25.82 -19.53 -35.53
CA GLN B 254 24.39 -19.31 -35.35
C GLN B 254 23.99 -17.86 -35.55
N GLU B 255 24.93 -17.01 -35.97
CA GLU B 255 24.72 -15.57 -36.20
C GLU B 255 24.28 -14.85 -34.93
N ASN B 256 24.94 -15.15 -33.84
CA ASN B 256 24.63 -14.59 -32.53
C ASN B 256 25.62 -13.48 -32.18
N VAL B 257 25.10 -12.45 -31.52
CA VAL B 257 25.96 -11.46 -30.88
C VAL B 257 26.77 -12.18 -29.80
N THR B 258 28.08 -12.30 -29.97
CA THR B 258 28.92 -12.91 -28.95
C THR B 258 29.53 -11.84 -28.07
N ARG B 259 30.18 -12.30 -27.00
CA ARG B 259 30.87 -11.38 -26.12
C ARG B 259 32.16 -10.86 -26.75
N GLU B 260 32.88 -11.71 -27.47
CA GLU B 260 34.14 -11.32 -28.08
C GLU B 260 33.91 -10.34 -29.24
N GLY B 261 32.95 -10.64 -30.11
CA GLY B 261 32.62 -9.73 -31.19
C GLY B 261 32.27 -8.34 -30.72
N LEU B 262 31.69 -8.22 -29.52
CA LEU B 262 31.41 -6.92 -28.92
C LEU B 262 32.68 -6.22 -28.52
N HIS B 263 33.59 -6.93 -27.87
CA HIS B 263 34.86 -6.31 -27.47
C HIS B 263 35.60 -5.74 -28.66
N LYS B 264 35.62 -6.50 -29.76
CA LYS B 264 36.27 -6.02 -31.00
C LYS B 264 35.46 -4.85 -31.57
N LEU B 265 34.14 -5.01 -31.66
CA LEU B 265 33.29 -3.94 -32.24
C LEU B 265 33.52 -2.65 -31.44
N LYS B 266 33.62 -2.78 -30.12
CA LYS B 266 33.92 -1.60 -29.27
C LYS B 266 35.27 -1.02 -29.68
N ASP B 267 36.26 -1.89 -29.93
CA ASP B 267 37.60 -1.39 -30.24
C ASP B 267 37.60 -0.56 -31.52
N LYS B 268 37.05 -1.11 -32.60
CA LYS B 268 37.03 -0.36 -33.84
C LYS B 268 36.06 0.81 -33.79
N LEU B 269 35.03 0.75 -32.95
CA LEU B 269 34.21 1.93 -32.72
C LEU B 269 35.05 3.07 -32.18
N LEU B 270 35.89 2.79 -31.20
CA LEU B 270 36.69 3.83 -30.56
C LEU B 270 37.81 4.33 -31.47
N LYS B 271 38.20 3.55 -32.48
CA LYS B 271 39.14 4.05 -33.48
C LYS B 271 38.62 5.24 -34.27
N PHE B 272 37.30 5.45 -34.33
CA PHE B 272 36.77 6.68 -34.91
C PHE B 272 36.72 7.80 -33.85
N LYS B 273 36.65 9.04 -34.34
CA LYS B 273 36.53 10.21 -33.46
C LYS B 273 35.20 10.94 -33.59
N ASN B 274 34.45 10.70 -34.66
CA ASN B 274 33.13 11.26 -34.83
C ASN B 274 32.19 10.16 -35.26
N ILE B 275 30.90 10.42 -35.14
CA ILE B 275 29.92 9.48 -35.64
C ILE B 275 29.94 9.43 -37.17
N SER B 276 30.24 10.56 -37.79
CA SER B 276 30.19 10.68 -39.25
C SER B 276 31.19 9.76 -39.94
N GLU B 277 32.20 9.27 -39.22
CA GLU B 277 33.22 8.45 -39.86
C GLU B 277 33.10 6.97 -39.50
N ILE B 278 31.98 6.53 -38.92
CA ILE B 278 31.81 5.10 -38.73
C ILE B 278 31.60 4.44 -40.09
N ASP B 279 32.42 3.44 -40.39
CA ASP B 279 32.37 2.74 -41.67
C ASP B 279 31.94 1.27 -41.54
N PHE B 280 31.23 0.90 -40.47
CA PHE B 280 30.75 -0.48 -40.32
C PHE B 280 29.78 -0.81 -41.45
N GLU B 281 30.01 -1.96 -42.10
CA GLU B 281 29.15 -2.41 -43.19
C GLU B 281 27.84 -2.96 -42.65
N GLY B 282 26.73 -2.44 -43.16
CA GLY B 282 25.41 -2.82 -42.69
C GLY B 282 24.83 -1.87 -41.67
N LEU B 283 25.27 -0.62 -41.68
CA LEU B 283 24.91 0.38 -40.69
C LEU B 283 24.06 1.44 -41.37
N ARG B 284 22.75 1.37 -41.16
CA ARG B 284 21.82 2.39 -41.64
C ARG B 284 22.24 3.77 -41.15
N GLU B 285 21.99 4.78 -41.98
CA GLU B 285 22.40 6.14 -41.63
C GLU B 285 21.66 6.66 -40.42
N ASP B 286 20.39 6.27 -40.25
CA ASP B 286 19.63 6.69 -39.10
C ASP B 286 20.12 6.07 -37.80
N ARG B 287 20.95 5.03 -37.87
CA ARG B 287 21.43 4.36 -36.67
C ARG B 287 22.81 4.82 -36.24
N ARG B 288 23.59 5.44 -37.13
CA ARG B 288 24.95 5.84 -36.73
C ARG B 288 24.93 6.79 -35.54
N ALA B 289 23.89 7.63 -35.43
CA ALA B 289 23.88 8.59 -34.34
C ALA B 289 23.72 7.90 -32.99
N VAL B 290 22.84 6.89 -32.93
CA VAL B 290 22.54 6.23 -31.63
C VAL B 290 23.37 4.97 -31.41
N LEU B 291 24.17 4.58 -32.40
CA LEU B 291 24.95 3.31 -32.28
C LEU B 291 25.90 3.38 -31.06
N PRO B 292 26.73 4.44 -30.87
CA PRO B 292 27.67 4.48 -29.76
C PRO B 292 26.99 4.22 -28.40
N ALA B 293 25.89 4.92 -28.12
CA ALA B 293 25.23 4.76 -26.82
C ALA B 293 24.54 3.40 -26.73
N GLY B 294 23.90 2.98 -27.81
CA GLY B 294 23.35 1.64 -27.81
C GLY B 294 24.42 0.60 -27.60
N LEU B 295 25.60 0.85 -28.15
CA LEU B 295 26.71 -0.09 -27.99
C LEU B 295 27.20 -0.11 -26.55
N ALA B 296 27.17 1.03 -25.88
CA ALA B 296 27.68 1.09 -24.52
C ALA B 296 26.78 0.32 -23.56
N ILE B 297 25.48 0.32 -23.83
CA ILE B 297 24.49 -0.29 -22.95
C ILE B 297 24.56 -1.80 -23.08
N LEU B 298 24.46 -2.29 -24.32
CA LEU B 298 24.69 -3.68 -24.66
C LEU B 298 26.02 -4.19 -24.14
N TYR B 299 27.07 -3.36 -24.24
CA TYR B 299 28.36 -3.80 -23.72
C TYR B 299 28.32 -3.93 -22.20
N ALA B 300 27.55 -3.06 -21.53
CA ALA B 300 27.45 -3.13 -20.08
C ALA B 300 26.52 -4.25 -19.66
N VAL B 301 25.48 -4.50 -20.44
CA VAL B 301 24.63 -5.65 -20.18
C VAL B 301 25.44 -6.93 -20.25
N PHE B 302 26.21 -7.12 -21.33
CA PHE B 302 26.98 -8.36 -21.49
C PHE B 302 27.98 -8.55 -20.36
N GLU B 303 28.55 -7.45 -19.86
CA GLU B 303 29.59 -7.54 -18.86
C GLU B 303 29.00 -7.80 -17.48
N VAL B 304 27.99 -7.02 -17.09
CA VAL B 304 27.41 -7.13 -15.76
C VAL B 304 26.70 -8.47 -15.57
N LEU B 305 25.92 -8.90 -16.56
CA LEU B 305 25.25 -10.19 -16.48
C LEU B 305 26.07 -11.33 -17.05
N GLU B 306 27.31 -11.07 -17.45
CA GLU B 306 28.24 -12.12 -17.88
C GLU B 306 27.65 -12.96 -19.00
N ILE B 307 26.98 -12.29 -19.92
CA ILE B 307 26.41 -12.97 -21.07
C ILE B 307 27.54 -13.34 -22.03
N GLU B 308 27.41 -14.50 -22.67
CA GLU B 308 28.41 -14.92 -23.63
C GLU B 308 27.91 -14.99 -25.06
N ARG B 309 26.62 -15.26 -25.25
CA ARG B 309 26.02 -15.34 -26.57
C ARG B 309 24.59 -14.88 -26.48
N LEU B 310 24.20 -14.00 -27.40
CA LEU B 310 22.85 -13.48 -27.48
C LEU B 310 22.34 -13.65 -28.90
N ALA B 311 21.13 -14.16 -29.03
CA ALA B 311 20.45 -14.35 -30.29
C ALA B 311 19.38 -13.29 -30.47
N TYR B 312 19.04 -12.98 -31.73
CA TYR B 312 18.08 -11.88 -31.99
C TYR B 312 16.72 -12.44 -32.42
N SER B 313 15.64 -11.87 -31.89
CA SER B 313 14.27 -12.30 -32.27
C SER B 313 13.54 -11.13 -32.91
N ASP B 314 12.64 -11.43 -33.86
CA ASP B 314 11.83 -10.35 -34.50
C ASP B 314 10.61 -10.08 -33.62
N GLY B 315 10.43 -10.88 -32.56
CA GLY B 315 9.30 -10.68 -31.67
C GLY B 315 9.55 -9.53 -30.71
N ALA B 316 8.48 -8.91 -30.28
CA ALA B 316 8.56 -7.58 -29.69
C ALA B 316 7.23 -7.27 -29.02
N LEU B 317 7.08 -6.03 -28.52
CA LEU B 317 5.83 -5.62 -27.84
C LEU B 317 4.65 -5.76 -28.80
N ARG B 318 4.89 -5.60 -30.10
CA ARG B 318 3.84 -5.66 -31.11
C ARG B 318 3.16 -7.02 -31.12
N GLU B 319 3.96 -8.09 -31.12
CA GLU B 319 3.41 -9.48 -31.10
C GLU B 319 2.80 -9.75 -29.73
N GLY B 320 3.51 -9.37 -28.66
CA GLY B 320 2.98 -9.52 -27.32
C GLY B 320 1.56 -9.00 -27.17
N VAL B 321 1.29 -7.82 -27.74
CA VAL B 321 -0.07 -7.29 -27.66
C VAL B 321 -1.03 -8.20 -28.40
N MET B 322 -0.62 -8.70 -29.55
CA MET B 322 -1.48 -9.61 -30.30
C MET B 322 -1.82 -10.85 -29.47
N TYR B 323 -0.82 -11.45 -28.86
CA TYR B 323 -1.03 -12.63 -28.01
C TYR B 323 -1.87 -12.30 -26.79
N ASP B 324 -1.55 -11.20 -26.11
CA ASP B 324 -2.39 -10.79 -25.02
C ASP B 324 -3.85 -10.71 -25.48
N LEU B 325 -4.07 -10.15 -26.67
CA LEU B 325 -5.42 -10.10 -27.24
C LEU B 325 -5.99 -11.50 -27.49
N LEU B 326 -5.14 -12.44 -27.89
CA LEU B 326 -5.63 -13.77 -28.24
C LEU B 326 -6.12 -14.49 -27.00
N GLY B 327 -5.48 -14.25 -25.86
CA GLY B 327 -5.97 -14.81 -24.62
C GLY B 327 -7.32 -14.24 -24.21
N ARG B 328 -7.54 -12.96 -24.49
CA ARG B 328 -8.82 -12.37 -24.14
C ARG B 328 -9.94 -12.90 -25.02
N PHE B 329 -9.63 -13.16 -26.29
CA PHE B 329 -10.61 -13.70 -27.20
C PHE B 329 -10.95 -15.16 -26.89
N LYS B 330 -10.09 -15.84 -26.13
CA LYS B 330 -10.27 -17.22 -25.70
C LYS B 330 -10.73 -17.30 -24.25
N HIS B 331 -11.19 -16.19 -23.68
CA HIS B 331 -11.60 -16.12 -22.27
C HIS B 331 -10.50 -16.62 -21.36
N GLU B 332 -9.29 -16.15 -21.64
CA GLU B 332 -8.07 -16.45 -20.91
C GLU B 332 -7.27 -15.17 -20.67
N ASP B 333 -7.98 -14.14 -20.22
CA ASP B 333 -7.43 -12.83 -19.91
C ASP B 333 -6.56 -12.88 -18.66
N ILE B 334 -5.25 -12.70 -18.82
CA ILE B 334 -4.35 -12.63 -17.67
C ILE B 334 -4.85 -11.63 -16.64
N ARG B 335 -5.74 -10.73 -17.03
CA ARG B 335 -6.27 -9.79 -16.07
C ARG B 335 -7.09 -10.53 -15.01
N ASP B 336 -7.83 -11.56 -15.42
CA ASP B 336 -8.61 -12.34 -14.47
C ASP B 336 -7.72 -13.21 -13.61
N ARG B 337 -6.59 -13.66 -14.15
CA ARG B 337 -5.63 -14.40 -13.33
C ARG B 337 -5.01 -13.51 -12.28
N SER B 338 -4.65 -12.28 -12.67
CA SER B 338 -4.09 -11.31 -11.73
C SER B 338 -5.08 -10.94 -10.62
N VAL B 339 -6.36 -10.88 -10.93
CA VAL B 339 -7.38 -10.58 -9.95
C VAL B 339 -7.40 -11.65 -8.87
N GLN B 340 -7.41 -12.91 -9.29
CA GLN B 340 -7.41 -14.01 -8.34
C GLN B 340 -6.12 -14.04 -7.51
N ALA B 341 -4.98 -13.68 -8.09
CA ALA B 341 -3.75 -13.67 -7.31
C ALA B 341 -3.75 -12.57 -6.24
N LEU B 342 -4.35 -11.42 -6.55
CA LEU B 342 -4.40 -10.35 -5.56
C LEU B 342 -5.33 -10.70 -4.43
N MET B 343 -6.53 -11.20 -4.74
CA MET B 343 -7.40 -11.80 -3.73
C MET B 343 -6.62 -12.69 -2.77
N GLY B 344 -5.91 -13.66 -3.33
CA GLY B 344 -4.97 -14.43 -2.55
C GLY B 344 -4.12 -13.59 -1.64
N ARG B 345 -3.39 -12.62 -2.20
CA ARG B 345 -2.39 -11.91 -1.40
C ARG B 345 -3.00 -11.09 -0.31
N TYR B 346 -4.23 -10.62 -0.46
CA TYR B 346 -4.85 -9.76 0.54
C TYR B 346 -6.01 -10.45 1.25
N ASN B 347 -6.06 -11.78 1.15
CA ASN B 347 -6.95 -12.65 1.93
C ASN B 347 -8.40 -12.20 1.82
N ALA B 348 -8.83 -11.91 0.61
CA ALA B 348 -10.17 -11.39 0.44
C ALA B 348 -11.15 -12.55 0.57
N ASP B 349 -12.26 -12.31 1.26
CA ASP B 349 -13.28 -13.32 1.52
C ASP B 349 -13.91 -13.76 0.21
N PRO B 350 -13.72 -15.00 -0.23
CA PRO B 350 -14.25 -15.41 -1.53
C PRO B 350 -15.76 -15.49 -1.56
N LYS B 351 -16.41 -15.65 -0.39
CA LYS B 351 -17.87 -15.73 -0.32
C LYS B 351 -18.51 -14.36 -0.48
N GLN B 352 -18.02 -13.37 0.27
CA GLN B 352 -18.47 -12.01 0.09
C GLN B 352 -18.22 -11.55 -1.33
N ALA B 353 -17.05 -11.92 -1.88
CA ALA B 353 -16.71 -11.49 -3.21
C ALA B 353 -17.75 -11.97 -4.23
N GLU B 354 -18.09 -13.26 -4.18
CA GLU B 354 -19.07 -13.78 -5.12
C GLU B 354 -20.43 -13.12 -4.97
N ARG B 355 -20.89 -12.96 -3.73
CA ARG B 355 -22.20 -12.35 -3.53
C ARG B 355 -22.28 -11.00 -4.20
N VAL B 356 -21.25 -10.16 -3.97
CA VAL B 356 -21.21 -8.82 -4.55
C VAL B 356 -21.11 -8.89 -6.06
N VAL B 357 -20.15 -9.67 -6.57
CA VAL B 357 -20.07 -9.95 -8.00
C VAL B 357 -21.44 -10.30 -8.57
N ASN B 358 -22.17 -11.22 -7.93
CA ASN B 358 -23.44 -11.63 -8.53
C ASN B 358 -24.49 -10.53 -8.43
N THR B 359 -24.54 -9.82 -7.29
CA THR B 359 -25.47 -8.69 -7.18
C THR B 359 -25.13 -7.59 -8.18
N ALA B 360 -23.84 -7.33 -8.35
CA ALA B 360 -23.41 -6.29 -9.26
C ALA B 360 -23.77 -6.63 -10.70
N GLN B 361 -23.67 -7.91 -11.07
CA GLN B 361 -24.05 -8.29 -12.41
C GLN B 361 -25.56 -8.20 -12.60
N TYR B 362 -26.33 -8.53 -11.56
CA TYR B 362 -27.80 -8.39 -11.66
C TYR B 362 -28.13 -6.93 -11.97
N LEU B 363 -27.68 -6.02 -11.11
CA LEU B 363 -27.93 -4.59 -11.34
C LEU B 363 -27.42 -4.17 -12.71
N PHE B 364 -26.22 -4.60 -13.08
CA PHE B 364 -25.66 -4.20 -14.35
C PHE B 364 -26.58 -4.56 -15.51
N ASP B 365 -27.15 -5.76 -15.47
CA ASP B 365 -27.97 -6.24 -16.61
C ASP B 365 -29.29 -5.46 -16.67
N SER B 366 -29.70 -4.88 -15.53
CA SER B 366 -31.00 -4.16 -15.47
C SER B 366 -30.82 -2.71 -15.95
N VAL B 367 -29.58 -2.28 -16.23
CA VAL B 367 -29.35 -0.84 -16.58
C VAL B 367 -28.35 -0.73 -17.73
N ALA B 368 -27.87 -1.84 -18.28
CA ALA B 368 -26.80 -1.76 -19.28
C ALA B 368 -27.28 -1.14 -20.59
N LYS B 369 -28.50 -1.44 -21.03
CA LYS B 369 -29.01 -0.82 -22.25
C LYS B 369 -29.29 0.65 -22.07
N PRO B 370 -30.06 1.11 -21.06
CA PRO B 370 -30.30 2.54 -20.92
C PRO B 370 -29.04 3.38 -20.74
N LEU B 371 -27.98 2.81 -20.17
CA LEU B 371 -26.74 3.52 -19.91
C LEU B 371 -25.67 3.24 -20.94
N ASN B 372 -25.97 2.41 -21.93
CA ASN B 372 -25.06 2.09 -23.03
C ASN B 372 -23.76 1.46 -22.51
N LEU B 373 -23.90 0.56 -21.54
CA LEU B 373 -22.75 -0.13 -20.98
C LEU B 373 -22.47 -1.41 -21.77
N THR B 374 -21.19 -1.66 -22.02
CA THR B 374 -20.75 -2.77 -22.84
C THR B 374 -20.32 -3.92 -21.94
N SER B 375 -19.77 -4.95 -22.56
CA SER B 375 -19.25 -6.08 -21.79
C SER B 375 -17.98 -5.67 -21.06
N GLU B 376 -17.16 -4.83 -21.71
CA GLU B 376 -15.95 -4.34 -21.08
C GLU B 376 -16.25 -3.62 -19.77
N ASP B 377 -17.31 -2.81 -19.77
CA ASP B 377 -17.78 -2.17 -18.54
C ASP B 377 -18.11 -3.23 -17.50
N SER B 378 -18.95 -4.18 -17.88
CA SER B 378 -19.29 -5.35 -17.07
C SER B 378 -18.06 -5.99 -16.44
N ASP B 379 -17.02 -6.27 -17.24
CA ASP B 379 -15.81 -6.90 -16.71
C ASP B 379 -15.06 -6.01 -15.74
N LEU B 380 -15.14 -4.69 -15.93
CA LEU B 380 -14.52 -3.78 -14.97
C LEU B 380 -15.24 -3.84 -13.64
N LEU B 381 -16.57 -3.82 -13.68
CA LEU B 381 -17.34 -3.97 -12.45
C LEU B 381 -17.08 -5.33 -11.80
N ARG B 382 -16.93 -6.38 -12.62
CA ARG B 382 -16.68 -7.73 -12.09
C ARG B 382 -15.34 -7.80 -11.33
N ARG B 383 -14.28 -7.22 -11.91
CA ARG B 383 -12.98 -7.26 -11.27
C ARG B 383 -12.95 -6.36 -10.03
N ALA B 384 -13.57 -5.19 -10.10
CA ALA B 384 -13.62 -4.38 -8.90
C ALA B 384 -14.39 -5.09 -7.81
N ALA B 385 -15.45 -5.81 -8.18
CA ALA B 385 -16.25 -6.53 -7.19
C ALA B 385 -15.43 -7.63 -6.51
N TYR B 386 -14.57 -8.30 -7.24
CA TYR B 386 -13.71 -9.31 -6.63
C TYR B 386 -12.69 -8.69 -5.70
N LEU B 387 -12.36 -7.40 -5.88
CA LEU B 387 -11.23 -6.78 -5.19
C LEU B 387 -11.62 -5.68 -4.20
N HIS B 388 -12.91 -5.34 -4.06
CA HIS B 388 -13.27 -4.15 -3.28
C HIS B 388 -12.91 -4.24 -1.78
N GLU B 389 -12.45 -5.40 -1.31
CA GLU B 389 -12.18 -5.56 0.14
C GLU B 389 -10.71 -5.99 0.38
N ILE B 390 -9.85 -5.83 -0.61
CA ILE B 390 -8.41 -6.19 -0.45
C ILE B 390 -7.80 -5.26 0.61
N GLY B 391 -8.31 -4.04 0.72
CA GLY B 391 -7.76 -3.07 1.68
C GLY B 391 -7.93 -3.52 3.13
N LEU B 392 -8.80 -4.50 3.37
CA LEU B 392 -8.90 -5.00 4.75
C LEU B 392 -7.59 -5.64 5.21
N ALA B 393 -6.81 -6.19 4.30
CA ALA B 393 -5.48 -6.69 4.66
C ALA B 393 -4.56 -5.58 5.18
N ILE B 394 -4.90 -4.32 5.00
CA ILE B 394 -4.03 -3.29 5.53
C ILE B 394 -4.58 -2.80 6.85
N SER B 395 -5.82 -2.31 6.83
CA SER B 395 -6.49 -1.85 8.04
C SER B 395 -8.00 -1.97 7.86
N HIS B 396 -8.70 -2.29 8.94
CA HIS B 396 -10.16 -2.35 8.81
C HIS B 396 -10.77 -0.95 8.65
N GLY B 397 -10.11 0.10 9.05
CA GLY B 397 -10.60 1.46 8.85
C GLY B 397 -10.16 2.03 7.51
N GLY B 398 -11.13 2.52 6.74
CA GLY B 398 -10.77 3.13 5.48
C GLY B 398 -10.19 2.20 4.46
N TYR B 399 -10.58 0.92 4.50
CA TYR B 399 -10.02 -0.10 3.61
C TYR B 399 -10.29 0.21 2.13
N HIS B 400 -11.39 0.91 1.84
CA HIS B 400 -11.70 1.26 0.46
C HIS B 400 -10.63 2.18 -0.12
N ARG B 401 -10.11 3.10 0.71
CA ARG B 401 -8.99 3.90 0.22
C ARG B 401 -7.73 3.06 0.07
N HIS B 402 -7.49 2.18 1.03
CA HIS B 402 -6.21 1.47 1.01
C HIS B 402 -6.18 0.50 -0.14
N GLY B 403 -7.35 0.05 -0.57
CA GLY B 403 -7.43 -0.87 -1.70
C GLY B 403 -7.35 -0.14 -3.02
N ALA B 404 -7.94 1.05 -3.10
CA ALA B 404 -7.61 1.98 -4.18
C ALA B 404 -6.11 2.20 -4.28
N TYR B 405 -5.42 2.39 -3.15
CA TYR B 405 -3.97 2.63 -3.22
C TYR B 405 -3.24 1.44 -3.83
N LEU B 406 -3.55 0.23 -3.40
CA LEU B 406 -2.94 -0.95 -3.99
C LEU B 406 -3.28 -1.07 -5.46
N LEU B 407 -4.53 -0.88 -5.83
CA LEU B 407 -4.87 -1.09 -7.23
C LEU B 407 -4.21 -0.06 -8.13
N GLN B 408 -4.05 1.17 -7.61
CA GLN B 408 -3.50 2.29 -8.38
C GLN B 408 -1.99 2.16 -8.56
N HIS B 409 -1.27 1.74 -7.52
CA HIS B 409 0.18 1.77 -7.52
C HIS B 409 0.86 0.43 -7.75
N SER B 410 0.13 -0.68 -7.78
CA SER B 410 0.75 -1.98 -8.00
C SER B 410 0.96 -2.26 -9.48
N ASP B 411 2.03 -3.01 -9.75
CA ASP B 411 2.25 -3.73 -10.99
C ASP B 411 1.32 -4.93 -11.03
N ILE B 412 0.34 -4.89 -11.89
CA ILE B 412 -0.68 -5.96 -12.04
C ILE B 412 -0.63 -6.45 -13.52
N PRO B 413 -0.08 -7.63 -13.76
CA PRO B 413 0.02 -8.10 -15.16
C PRO B 413 -1.30 -8.05 -15.90
N GLY B 414 -1.23 -7.61 -17.15
CA GLY B 414 -2.42 -7.42 -17.95
C GLY B 414 -3.07 -6.04 -17.85
N PHE B 415 -2.78 -5.27 -16.83
CA PHE B 415 -3.48 -4.00 -16.66
C PHE B 415 -2.61 -2.85 -17.17
N SER B 416 -3.16 -2.07 -18.10
CA SER B 416 -2.56 -0.79 -18.48
C SER B 416 -2.83 0.24 -17.38
N GLN B 417 -2.14 1.36 -17.49
CA GLN B 417 -2.33 2.42 -16.50
C GLN B 417 -3.77 2.91 -16.46
N ILE B 418 -4.36 3.16 -17.62
CA ILE B 418 -5.76 3.69 -17.66
C ILE B 418 -6.67 2.64 -17.02
N ASP B 419 -6.40 1.35 -17.27
CA ASP B 419 -7.27 0.26 -16.74
C ASP B 419 -7.17 0.22 -15.22
N GLN B 420 -5.96 0.21 -14.67
CA GLN B 420 -5.80 0.17 -13.22
C GLN B 420 -6.53 1.32 -12.57
N ASN B 421 -6.40 2.51 -13.15
CA ASN B 421 -6.97 3.70 -12.57
C ASN B 421 -8.47 3.58 -12.40
N HIS B 422 -9.20 3.21 -13.46
CA HIS B 422 -10.64 2.97 -13.34
C HIS B 422 -10.94 1.88 -12.32
N LEU B 423 -10.08 0.87 -12.26
CA LEU B 423 -10.25 -0.12 -11.22
C LEU B 423 -10.16 0.52 -9.85
N SER B 424 -9.13 1.34 -9.60
CA SER B 424 -9.00 1.93 -8.27
C SER B 424 -10.13 2.91 -7.99
N HIS B 425 -10.66 3.58 -8.99
CA HIS B 425 -11.80 4.46 -8.72
C HIS B 425 -13.01 3.66 -8.25
N LEU B 426 -13.30 2.53 -8.90
CA LEU B 426 -14.47 1.74 -8.51
C LEU B 426 -14.40 1.32 -7.06
N VAL B 427 -13.20 0.92 -6.62
CA VAL B 427 -13.04 0.47 -5.24
C VAL B 427 -12.98 1.67 -4.28
N ALA B 428 -12.55 2.82 -4.76
CA ALA B 428 -12.30 3.96 -3.90
C ALA B 428 -13.57 4.66 -3.46
N HIS B 429 -14.64 4.57 -4.23
CA HIS B 429 -15.82 5.34 -3.88
C HIS B 429 -16.94 4.42 -3.42
N HIS B 430 -16.65 3.12 -3.27
CA HIS B 430 -17.74 2.18 -3.06
C HIS B 430 -18.33 2.27 -1.66
N ARG B 431 -17.74 3.01 -0.73
CA ARG B 431 -18.12 2.82 0.65
C ARG B 431 -18.70 4.03 1.36
N ARG B 432 -17.96 5.15 1.44
CA ARG B 432 -18.37 6.19 2.38
C ARG B 432 -19.12 7.38 1.76
N LYS B 433 -18.92 8.56 2.35
CA LYS B 433 -19.59 9.77 1.88
C LYS B 433 -19.04 10.20 0.51
N LEU B 434 -19.95 10.60 -0.38
CA LEU B 434 -19.61 11.05 -1.73
C LEU B 434 -19.68 12.55 -1.87
N ARG B 435 -18.65 13.11 -2.52
CA ARG B 435 -18.49 14.53 -2.75
C ARG B 435 -18.39 14.85 -4.24
N ASN B 436 -18.98 15.98 -4.59
CA ASN B 436 -19.07 16.41 -5.98
C ASN B 436 -17.71 16.70 -6.60
N ASP B 437 -16.70 17.07 -5.80
CA ASP B 437 -15.41 17.29 -6.45
C ASP B 437 -14.76 15.97 -6.84
N VAL B 438 -15.01 14.91 -6.07
CA VAL B 438 -14.51 13.59 -6.43
C VAL B 438 -15.13 13.12 -7.74
N LYS B 439 -16.45 13.32 -7.90
CA LYS B 439 -17.14 13.02 -9.16
C LYS B 439 -16.42 13.60 -10.38
N ASN B 440 -16.03 14.88 -10.31
CA ASN B 440 -15.34 15.49 -11.44
C ASN B 440 -14.00 14.84 -11.70
N GLU B 441 -13.30 14.39 -10.65
CA GLU B 441 -12.10 13.58 -10.88
C GLU B 441 -12.46 12.24 -11.51
N VAL B 442 -13.59 11.67 -11.12
CA VAL B 442 -14.02 10.44 -11.77
C VAL B 442 -14.31 10.73 -13.23
N LEU B 443 -15.08 11.78 -13.48
CA LEU B 443 -15.44 12.13 -14.85
C LEU B 443 -14.21 12.35 -15.72
N LYS B 444 -13.18 12.98 -15.19
CA LYS B 444 -11.95 13.09 -15.98
C LYS B 444 -11.28 11.74 -16.18
N ALA B 445 -11.51 10.79 -15.29
CA ALA B 445 -10.78 9.53 -15.39
C ALA B 445 -11.40 8.59 -16.43
N GLY B 446 -12.73 8.49 -16.43
CA GLY B 446 -13.43 7.53 -17.26
C GLY B 446 -14.82 7.97 -17.63
N GLY B 447 -15.08 9.26 -17.53
CA GLY B 447 -16.32 9.85 -17.98
C GLY B 447 -17.52 9.33 -17.20
N HIS B 448 -18.68 9.42 -17.85
CA HIS B 448 -19.93 9.10 -17.17
C HIS B 448 -20.09 7.61 -16.92
N LYS B 449 -19.43 6.78 -17.71
CA LYS B 449 -19.54 5.33 -17.52
C LYS B 449 -18.88 4.93 -16.21
N LEU B 450 -17.71 5.49 -15.94
CA LEU B 450 -17.02 5.21 -14.69
C LEU B 450 -17.90 5.59 -13.52
N VAL B 451 -18.69 6.64 -13.68
CA VAL B 451 -19.51 7.13 -12.59
C VAL B 451 -20.64 6.15 -12.30
N TYR B 452 -21.28 5.66 -13.35
CA TYR B 452 -22.34 4.68 -13.13
C TYR B 452 -21.80 3.40 -12.53
N LEU B 453 -20.64 2.93 -13.00
CA LEU B 453 -20.07 1.71 -12.45
C LEU B 453 -19.74 1.87 -10.97
N SER B 454 -19.21 3.03 -10.57
CA SER B 454 -18.94 3.28 -9.17
C SER B 454 -20.22 3.24 -8.36
N LEU B 455 -21.31 3.74 -8.94
CA LEU B 455 -22.60 3.75 -8.27
C LEU B 455 -23.22 2.35 -8.20
N LEU B 456 -23.12 1.57 -9.28
CA LEU B 456 -23.60 0.19 -9.23
C LEU B 456 -22.83 -0.64 -8.20
N LEU B 457 -21.50 -0.49 -8.18
CA LEU B 457 -20.70 -1.22 -7.20
C LEU B 457 -21.11 -0.86 -5.79
N ARG B 458 -21.39 0.42 -5.56
CA ARG B 458 -21.90 0.84 -4.25
C ARG B 458 -23.14 0.05 -3.87
N LEU B 459 -24.19 0.14 -4.68
CA LEU B 459 -25.40 -0.62 -4.43
C LEU B 459 -25.11 -2.09 -4.18
N ALA B 460 -24.25 -2.70 -4.99
CA ALA B 460 -23.94 -4.12 -4.81
C ALA B 460 -23.37 -4.41 -3.44
N VAL B 461 -22.46 -3.55 -2.95
CA VAL B 461 -21.92 -3.78 -1.61
C VAL B 461 -23.01 -3.57 -0.57
N LEU B 462 -23.75 -2.48 -0.70
CA LEU B 462 -24.79 -2.15 0.28
C LEU B 462 -25.77 -3.30 0.44
N LEU B 463 -26.20 -3.89 -0.69
CA LEU B 463 -27.17 -4.95 -0.65
C LEU B 463 -26.64 -6.20 0.07
N ASN B 464 -25.33 -6.26 0.29
CA ASN B 464 -24.64 -7.42 0.81
C ASN B 464 -23.81 -7.04 2.01
N HIS B 465 -24.13 -5.88 2.58
CA HIS B 465 -23.34 -5.36 3.67
C HIS B 465 -23.43 -6.23 4.91
N SER B 466 -24.54 -6.94 5.10
CA SER B 466 -24.71 -7.79 6.27
C SER B 466 -23.89 -9.06 6.19
N ARG B 467 -23.53 -9.51 4.98
CA ARG B 467 -22.79 -10.75 4.74
C ARG B 467 -23.65 -12.00 5.01
N SER B 468 -24.94 -11.93 4.68
CA SER B 468 -25.94 -12.86 5.18
C SER B 468 -25.97 -14.19 4.43
N ASP B 469 -25.55 -14.26 3.18
CA ASP B 469 -25.68 -15.49 2.40
C ASP B 469 -27.14 -15.97 2.29
N GLN B 470 -28.10 -15.11 2.64
CA GLN B 470 -29.53 -15.35 2.49
C GLN B 470 -30.02 -14.78 1.17
N MET B 471 -31.19 -15.24 0.75
CA MET B 471 -31.81 -14.74 -0.47
C MET B 471 -32.17 -13.27 -0.31
N LEU B 472 -31.56 -12.40 -1.14
CA LEU B 472 -31.85 -10.98 -1.05
C LEU B 472 -33.32 -10.72 -1.34
N PRO B 473 -33.89 -9.61 -0.81
CA PRO B 473 -35.28 -9.28 -1.10
C PRO B 473 -35.59 -9.47 -2.57
N ALA B 474 -36.43 -10.48 -2.82
CA ALA B 474 -36.67 -11.04 -4.15
C ALA B 474 -36.73 -9.97 -5.22
N ILE B 475 -37.37 -8.84 -4.91
CA ILE B 475 -37.51 -7.74 -5.85
C ILE B 475 -36.35 -6.77 -5.59
N GLU B 476 -35.41 -6.77 -6.51
CA GLU B 476 -34.41 -5.71 -6.63
C GLU B 476 -34.39 -5.27 -8.09
N LEU B 477 -35.32 -4.40 -8.45
CA LEU B 477 -35.39 -3.90 -9.81
C LEU B 477 -34.82 -2.48 -9.87
N THR B 478 -33.69 -2.31 -10.56
CA THR B 478 -33.15 -0.98 -10.83
C THR B 478 -33.69 -0.51 -12.18
N ILE B 479 -34.24 0.71 -12.18
CA ILE B 479 -34.78 1.31 -13.43
C ILE B 479 -34.14 2.70 -13.57
N ILE B 480 -34.03 3.21 -14.80
CA ILE B 480 -33.45 4.56 -15.04
C ILE B 480 -34.49 5.41 -15.79
N ASN B 481 -34.65 6.67 -15.41
CA ASN B 481 -35.62 7.57 -16.09
C ASN B 481 -34.87 8.77 -16.69
N GLN B 483 -31.00 10.89 -15.47
CA GLN B 483 -30.31 11.58 -14.35
C GLN B 483 -31.00 11.23 -13.03
N GLN B 484 -31.97 10.30 -13.07
CA GLN B 484 -32.64 9.84 -11.83
C GLN B 484 -32.88 8.32 -11.94
N TRP B 485 -32.44 7.58 -10.92
CA TRP B 485 -32.58 6.10 -10.95
C TRP B 485 -33.71 5.68 -10.01
N GLN B 486 -34.32 4.53 -10.26
CA GLN B 486 -35.42 4.03 -9.39
C GLN B 486 -35.06 2.66 -8.82
N LEU B 487 -34.97 2.55 -7.50
CA LEU B 487 -34.73 1.26 -6.87
C LEU B 487 -35.98 0.81 -6.13
N SER B 488 -36.57 -0.27 -6.58
CA SER B 488 -37.74 -0.85 -5.95
C SER B 488 -37.35 -2.10 -5.18
N VAL B 489 -38.00 -2.31 -4.04
CA VAL B 489 -37.78 -3.47 -3.19
C VAL B 489 -39.14 -4.07 -2.83
N SER B 490 -39.24 -5.39 -2.91
CA SER B 490 -40.45 -6.10 -2.52
C SER B 490 -40.09 -7.48 -1.97
N GLY B 491 -40.82 -7.91 -0.96
CA GLY B 491 -40.62 -9.21 -0.38
C GLY B 491 -40.80 -9.14 1.12
N ASP B 492 -40.25 -10.14 1.80
CA ASP B 492 -40.33 -10.23 3.25
C ASP B 492 -39.22 -9.39 3.86
N ALA B 493 -39.59 -8.34 4.58
CA ALA B 493 -38.62 -7.45 5.19
C ALA B 493 -38.03 -8.00 6.49
N LYS B 494 -38.44 -9.22 6.89
CA LYS B 494 -38.07 -9.75 8.20
C LYS B 494 -36.59 -10.05 8.28
N GLN B 495 -36.02 -10.59 7.22
CA GLN B 495 -34.60 -10.90 7.18
C GLN B 495 -33.74 -9.65 6.96
N TRP B 496 -34.33 -8.53 6.55
CA TRP B 496 -33.58 -7.34 6.12
C TRP B 496 -34.14 -6.11 6.84
N PRO B 497 -33.82 -5.95 8.11
CA PRO B 497 -34.55 -4.98 8.93
C PRO B 497 -34.08 -3.55 8.75
N LEU B 498 -32.84 -3.37 8.30
CA LEU B 498 -32.24 -2.06 8.09
C LEU B 498 -31.98 -1.76 6.61
N LEU B 499 -32.51 -2.57 5.70
CA LEU B 499 -32.22 -2.37 4.29
C LEU B 499 -32.73 -1.03 3.80
N VAL B 500 -33.97 -0.70 4.17
CA VAL B 500 -34.63 0.51 3.72
C VAL B 500 -33.90 1.75 4.24
N ALA B 501 -33.43 1.71 5.50
CA ALA B 501 -32.73 2.86 6.08
C ALA B 501 -31.34 3.05 5.50
N ASP B 502 -30.68 1.95 5.10
CA ASP B 502 -29.40 2.05 4.39
C ASP B 502 -29.61 2.57 2.98
N LEU B 503 -30.76 2.28 2.40
CA LEU B 503 -31.08 2.78 1.08
C LEU B 503 -31.38 4.27 1.13
N HIS B 504 -32.14 4.71 2.13
CA HIS B 504 -32.39 6.13 2.30
C HIS B 504 -31.10 6.89 2.60
N ASP B 505 -30.17 6.26 3.33
CA ASP B 505 -28.88 6.88 3.54
C ASP B 505 -28.09 6.99 2.22
N GLU B 506 -28.27 6.02 1.33
CA GLU B 506 -27.60 6.04 0.05
C GLU B 506 -28.20 7.07 -0.88
N GLN B 507 -29.49 7.36 -0.75
CA GLN B 507 -30.08 8.41 -1.57
C GLN B 507 -29.36 9.73 -1.40
N GLU B 508 -28.98 10.03 -0.16
CA GLU B 508 -28.31 11.28 0.17
C GLU B 508 -26.91 11.32 -0.40
N GLN B 509 -26.22 10.17 -0.41
CA GLN B 509 -24.94 10.12 -1.11
C GLN B 509 -25.11 10.21 -2.62
N PHE B 510 -26.17 9.62 -3.17
CA PHE B 510 -26.40 9.67 -4.61
C PHE B 510 -26.68 11.10 -5.07
N LYS B 511 -27.24 11.95 -4.20
CA LYS B 511 -27.53 13.31 -4.64
C LYS B 511 -26.26 14.16 -4.64
N HIS B 512 -25.29 13.83 -3.78
CA HIS B 512 -24.00 14.51 -3.78
C HIS B 512 -23.22 14.31 -5.05
N TRP B 513 -23.66 13.32 -5.84
CA TRP B 513 -23.08 13.09 -7.18
C TRP B 513 -24.15 13.41 -8.22
N ASN B 514 -25.05 14.36 -7.92
CA ASN B 514 -26.08 14.82 -8.88
C ASN B 514 -26.92 13.68 -9.46
N ILE B 515 -27.36 12.73 -8.64
CA ILE B 515 -28.28 11.67 -9.15
C ILE B 515 -29.39 11.44 -8.12
N GLU B 516 -30.65 11.44 -8.56
CA GLU B 516 -31.79 11.21 -7.64
C GLU B 516 -32.12 9.72 -7.60
N LEU B 517 -31.87 9.07 -6.47
CA LEU B 517 -32.19 7.64 -6.32
C LEU B 517 -33.55 7.52 -5.66
N ASN B 518 -34.52 7.00 -6.39
CA ASN B 518 -35.87 6.88 -5.87
C ASN B 518 -36.09 5.49 -5.31
N ILE B 519 -36.47 5.43 -4.03
CA ILE B 519 -36.60 4.19 -3.28
C ILE B 519 -38.08 3.91 -3.07
N GLN B 520 -38.56 2.80 -3.58
CA GLN B 520 -39.96 2.43 -3.40
C GLN B 520 -40.00 1.06 -2.74
N SER B 521 -40.48 1.04 -1.50
CA SER B 521 -40.46 -0.13 -0.64
C SER B 521 -41.84 -0.41 -0.07
N GLU B 522 -42.88 0.03 -0.77
CA GLU B 522 -44.27 -0.13 -0.26
C GLU B 522 -44.62 -1.62 -0.12
N LYS B 523 -44.09 -2.46 -1.00
CA LYS B 523 -44.39 -3.92 -0.97
C LYS B 523 -43.34 -4.65 -0.12
N PHE B 524 -42.29 -3.94 0.32
CA PHE B 524 -41.30 -4.57 1.24
C PHE B 524 -41.88 -4.49 2.65
N ILE B 525 -42.40 -5.61 3.17
CA ILE B 525 -43.11 -5.57 4.44
C ILE B 525 -42.84 -6.86 5.22
N ASP B 526 -43.12 -6.80 6.52
CA ASP B 526 -42.88 -7.90 7.49
C ASP B 526 -41.39 -8.18 7.67
#